data_4D8P
#
_entry.id   4D8P
#
_cell.length_a   74.890
_cell.length_b   114.920
_cell.length_c   138.030
_cell.angle_alpha   90.00
_cell.angle_beta   103.36
_cell.angle_gamma   90.00
#
_symmetry.space_group_name_H-M   'C 1 2 1'
#
loop_
_entity.id
_entity.type
_entity.pdbx_description
1 polymer 'HLA-DQA1 protein'
2 polymer 'Peptide from Gamma-gliadin,HLA class II histocompatibility antigen, DQ beta 1 chain'
3 non-polymer GLYCEROL
4 water water
#
loop_
_entity_poly.entity_id
_entity_poly.type
_entity_poly.pdbx_seq_one_letter_code
_entity_poly.pdbx_strand_id
1 'polypeptide(L)'
;EDIVADHVASYGVNLYQSYGPSGQYSHEFDGDEEFYVDLERKETVWQLPLFRRFRRFDPQFALTNIAVLKHNLNIVIKRS
NSTAATNEVPEVTVFSKSPVTLGQPNTLICLVDNIFPPVVNITWLSNGHSVTEGVSETSFLSKSDHSFFKISYLTFLPSA
DEIYDCKVEHWGLDEPLLKHWEPEIPTPMSELTEGGGSGGGSCSRGGLEVLFQ
;
A,C
2 'polypeptide(L)'
;RDSGPQPEQPEQPFPQPQGAGSLVPRGSGGGGSRDSPEDFVYQFKGMCYFTNGTERVRLVSRSIYNREEIVRFDSDVGEF
RAVTLLGLPAAEYWNSQKDILERKRAAVDRVCRHNYQLELRTTLQRRVEPTVTISPSRTEALNHHNLLVCSVTDFYPAQI
KVRWFRNDQEETAGVVSTPLIRNGDWTFQILVMLEMTPQRGDVYTCHVEHPSLQSPITVEWRAQSESAQSKGGGSGGGSC
SRGGLEVLFQ
;
B,D
#
loop_
_chem_comp.id
_chem_comp.type
_chem_comp.name
_chem_comp.formula
GOL non-polymer GLYCEROL 'C3 H8 O3'
#
# COMPACT_ATOMS: atom_id res chain seq x y z
N ASP A 2 -2.63 -0.77 8.02
CA ASP A 2 -1.57 -1.15 9.01
C ASP A 2 -2.14 -1.70 10.32
N ILE A 3 -3.42 -2.10 10.30
CA ILE A 3 -4.07 -2.66 11.50
C ILE A 3 -4.12 -4.19 11.46
N VAL A 4 -3.64 -4.81 12.53
CA VAL A 4 -3.68 -6.26 12.70
C VAL A 4 -4.98 -6.63 13.40
N ALA A 5 -5.58 -7.73 12.93
CA ALA A 5 -6.79 -8.34 13.47
C ALA A 5 -6.96 -9.73 12.86
N ASP A 6 -7.64 -10.62 13.57
CA ASP A 6 -8.00 -11.94 13.03
C ASP A 6 -9.08 -11.87 11.94
N HIS A 7 -10.10 -11.04 12.15
CA HIS A 7 -11.16 -10.82 11.17
C HIS A 7 -11.54 -9.36 10.99
N VAL A 8 -11.69 -8.94 9.74
CA VAL A 8 -12.05 -7.57 9.43
C VAL A 8 -13.40 -7.54 8.74
N ALA A 9 -14.35 -6.82 9.34
CA ALA A 9 -15.66 -6.66 8.74
C ALA A 9 -16.01 -5.20 8.54
N SER A 10 -16.73 -4.91 7.46
CA SER A 10 -17.35 -3.61 7.26
C SER A 10 -18.86 -3.73 7.46
N TYR A 11 -19.33 -3.52 8.68
CA TYR A 11 -20.76 -3.41 8.92
C TYR A 11 -21.20 -2.01 8.57
N GLY A 12 -21.13 -1.77 7.27
CA GLY A 12 -21.43 -0.50 6.67
C GLY A 12 -20.43 -0.16 5.56
N VAL A 13 -20.54 -0.80 4.40
CA VAL A 13 -19.95 -0.15 3.24
C VAL A 13 -21.03 0.72 2.62
N ASN A 14 -20.84 2.02 2.75
CA ASN A 14 -21.74 2.99 2.18
C ASN A 14 -21.01 3.76 1.11
N LEU A 15 -21.64 3.87 -0.04
CA LEU A 15 -21.05 4.54 -1.17
C LEU A 15 -22.09 5.35 -1.95
N TYR A 16 -21.88 6.66 -2.04
CA TYR A 16 -22.72 7.53 -2.87
C TYR A 16 -21.89 8.44 -3.75
N GLN A 17 -22.34 8.64 -4.97
CA GLN A 17 -21.60 9.45 -5.93
C GLN A 17 -22.51 10.18 -6.90
N SER A 18 -22.00 11.31 -7.42
CA SER A 18 -22.79 12.18 -8.29
C SER A 18 -23.18 11.52 -9.61
N TYR A 19 -22.21 10.95 -10.33
CA TYR A 19 -22.48 10.32 -11.62
C TYR A 19 -23.59 9.29 -11.47
N GLY A 20 -24.76 9.60 -12.02
CA GLY A 20 -25.94 8.78 -11.83
C GLY A 20 -27.12 9.64 -11.50
N PRO A 21 -27.29 10.03 -10.20
CA PRO A 21 -26.49 9.62 -9.07
C PRO A 21 -26.70 8.15 -8.79
N SER A 22 -25.67 7.49 -8.30
CA SER A 22 -25.75 6.10 -7.94
C SER A 22 -25.08 5.92 -6.59
N GLY A 23 -25.54 4.93 -5.86
CA GLY A 23 -24.95 4.55 -4.58
C GLY A 23 -24.94 3.04 -4.47
N GLN A 24 -24.49 2.55 -3.33
CA GLN A 24 -24.50 1.11 -3.04
C GLN A 24 -24.44 0.91 -1.53
N TYR A 25 -25.06 -0.14 -1.04
CA TYR A 25 -24.89 -0.52 0.35
C TYR A 25 -24.71 -2.01 0.45
N SER A 26 -23.72 -2.41 1.25
CA SER A 26 -23.33 -3.80 1.42
C SER A 26 -22.67 -4.00 2.79
N HIS A 27 -22.57 -5.27 3.21
CA HIS A 27 -21.78 -5.64 4.36
C HIS A 27 -20.73 -6.65 3.88
N GLU A 28 -19.48 -6.46 4.29
CA GLU A 28 -18.38 -7.33 3.89
C GLU A 28 -17.84 -8.01 5.13
N PHE A 29 -17.33 -9.23 5.01
CA PHE A 29 -16.69 -9.89 6.17
C PHE A 29 -15.51 -10.72 5.78
N ASP A 30 -14.33 -10.34 6.28
CA ASP A 30 -13.07 -10.93 5.86
C ASP A 30 -12.86 -10.84 4.35
N GLY A 31 -13.31 -9.75 3.77
CA GLY A 31 -12.99 -9.44 2.40
C GLY A 31 -13.96 -10.05 1.43
N ASP A 32 -15.11 -10.49 1.96
CA ASP A 32 -16.13 -11.15 1.13
C ASP A 32 -17.47 -10.49 1.37
N GLU A 33 -18.24 -10.35 0.30
CA GLU A 33 -19.55 -9.69 0.34
C GLU A 33 -20.64 -10.60 0.91
N GLU A 34 -21.24 -10.16 2.03
CA GLU A 34 -22.29 -10.92 2.70
C GLU A 34 -23.66 -10.70 2.06
N PHE A 35 -24.00 -9.42 1.84
CA PHE A 35 -25.18 -9.03 1.07
C PHE A 35 -25.00 -7.65 0.51
N TYR A 36 -25.86 -7.28 -0.43
CA TYR A 36 -26.01 -5.88 -0.79
C TYR A 36 -27.48 -5.54 -0.70
N VAL A 37 -27.79 -4.27 -0.43
CA VAL A 37 -29.18 -3.81 -0.39
C VAL A 37 -29.53 -3.16 -1.72
N ASP A 38 -30.58 -3.64 -2.37
CA ASP A 38 -31.10 -3.03 -3.58
C ASP A 38 -31.77 -1.71 -3.20
N LEU A 39 -31.38 -0.62 -3.87
CA LEU A 39 -31.87 0.72 -3.50
C LEU A 39 -33.14 1.19 -4.19
N GLU A 40 -33.69 0.37 -5.09
CA GLU A 40 -35.01 0.61 -5.67
C GLU A 40 -35.96 -0.40 -5.06
N ARG A 41 -35.74 -1.67 -5.39
CA ARG A 41 -36.54 -2.77 -4.89
C ARG A 41 -36.52 -2.89 -3.36
N LYS A 42 -35.84 -1.98 -2.68
CA LYS A 42 -35.82 -1.90 -1.22
C LYS A 42 -35.69 -3.27 -0.53
N GLU A 43 -34.68 -4.05 -0.90
CA GLU A 43 -34.53 -5.41 -0.39
C GLU A 43 -33.09 -5.87 -0.17
N THR A 44 -32.85 -6.49 0.99
CA THR A 44 -31.59 -7.15 1.31
C THR A 44 -31.42 -8.34 0.38
N VAL A 45 -30.30 -8.41 -0.34
CA VAL A 45 -30.01 -9.48 -1.29
C VAL A 45 -28.82 -10.31 -0.81
N TRP A 46 -29.05 -11.38 -0.05
CA TRP A 46 -27.97 -12.18 0.52
C TRP A 46 -27.17 -12.90 -0.54
N GLN A 47 -25.87 -13.07 -0.31
CA GLN A 47 -24.97 -13.74 -1.28
C GLN A 47 -24.73 -15.21 -0.98
N LEU A 48 -25.04 -15.64 0.24
CA LEU A 48 -25.07 -17.07 0.59
C LEU A 48 -26.43 -17.41 1.20
N PRO A 49 -27.07 -18.47 0.71
CA PRO A 49 -28.29 -19.04 1.30
C PRO A 49 -28.13 -19.48 2.77
N LEU A 50 -26.87 -19.57 3.21
CA LEU A 50 -26.53 -19.78 4.63
C LEU A 50 -27.15 -18.72 5.54
N PHE A 51 -27.03 -17.46 5.13
CA PHE A 51 -27.52 -16.29 5.88
C PHE A 51 -29.03 -16.17 5.85
N ARG A 52 -29.61 -16.58 4.72
CA ARG A 52 -31.05 -16.76 4.58
C ARG A 52 -31.47 -18.08 5.25
N ARG A 53 -31.24 -18.16 6.56
CA ARG A 53 -31.66 -19.29 7.36
C ARG A 53 -32.21 -18.81 8.67
N PHE A 54 -31.43 -18.04 9.42
CA PHE A 54 -31.95 -17.42 10.64
C PHE A 54 -31.74 -15.88 10.71
N ARG A 55 -31.19 -15.28 9.65
CA ARG A 55 -30.78 -13.85 9.69
C ARG A 55 -31.33 -12.95 8.56
N ARG A 56 -31.94 -11.84 8.95
CA ARG A 56 -32.27 -10.76 8.00
C ARG A 56 -31.57 -9.43 8.33
N PHE A 57 -31.97 -8.35 7.65
CA PHE A 57 -31.43 -7.01 7.85
C PHE A 57 -32.38 -5.98 7.21
N ASP A 58 -32.72 -4.93 7.97
CA ASP A 58 -33.71 -3.95 7.52
C ASP A 58 -33.19 -3.04 6.41
N PRO A 59 -33.61 -3.27 5.16
CA PRO A 59 -33.18 -2.49 4.00
C PRO A 59 -33.47 -1.00 4.13
N GLN A 60 -34.37 -0.65 5.03
CA GLN A 60 -34.68 0.76 5.27
C GLN A 60 -33.44 1.47 5.83
N PHE A 61 -32.74 0.80 6.74
CA PHE A 61 -31.55 1.35 7.34
C PHE A 61 -30.55 1.79 6.29
N ALA A 62 -30.44 1.03 5.21
CA ALA A 62 -29.56 1.38 4.12
C ALA A 62 -29.96 2.71 3.50
N LEU A 63 -31.22 2.79 3.06
CA LEU A 63 -31.76 3.98 2.40
C LEU A 63 -31.64 5.25 3.23
N THR A 64 -31.82 5.11 4.55
CA THR A 64 -31.56 6.20 5.49
C THR A 64 -30.11 6.63 5.43
N ASN A 65 -29.20 5.66 5.57
CA ASN A 65 -27.75 5.91 5.47
C ASN A 65 -27.38 6.59 4.16
N ILE A 66 -27.87 6.04 3.05
CA ILE A 66 -27.49 6.53 1.74
C ILE A 66 -28.02 7.95 1.46
N ALA A 67 -29.26 8.22 1.89
CA ALA A 67 -29.83 9.58 1.76
C ALA A 67 -29.00 10.62 2.50
N VAL A 68 -28.46 10.26 3.65
CA VAL A 68 -27.53 11.12 4.38
C VAL A 68 -26.27 11.39 3.58
N LEU A 69 -25.69 10.34 2.98
CA LEU A 69 -24.49 10.50 2.15
C LEU A 69 -24.70 11.53 1.06
N LYS A 70 -25.86 11.50 0.42
CA LYS A 70 -26.21 12.56 -0.51
C LYS A 70 -26.07 13.93 0.19
N HIS A 71 -26.71 14.07 1.35
CA HIS A 71 -26.65 15.31 2.14
C HIS A 71 -25.20 15.68 2.35
N ASN A 72 -24.44 14.77 2.96
CA ASN A 72 -23.09 15.07 3.34
C ASN A 72 -22.16 15.23 2.16
N LEU A 73 -22.41 14.51 1.07
CA LEU A 73 -21.59 14.66 -0.13
C LEU A 73 -21.67 16.09 -0.63
N ASN A 74 -22.88 16.52 -1.02
CA ASN A 74 -23.09 17.86 -1.57
C ASN A 74 -22.37 18.93 -0.76
N ILE A 75 -22.46 18.79 0.56
CA ILE A 75 -21.81 19.71 1.47
C ILE A 75 -20.30 19.76 1.18
N VAL A 76 -19.67 18.59 1.07
CA VAL A 76 -18.20 18.51 0.89
C VAL A 76 -17.74 18.88 -0.54
N ILE A 77 -18.67 18.77 -1.50
CA ILE A 77 -18.40 19.22 -2.85
C ILE A 77 -18.17 20.72 -2.80
N LYS A 78 -19.14 21.44 -2.21
CA LYS A 78 -19.02 22.89 -2.00
C LYS A 78 -17.73 23.17 -1.24
N ARG A 79 -17.67 22.71 0.00
CA ARG A 79 -16.52 22.89 0.89
C ARG A 79 -15.14 22.66 0.26
N SER A 80 -15.06 21.79 -0.74
CA SER A 80 -13.76 21.42 -1.34
C SER A 80 -13.37 22.28 -2.54
N ASN A 81 -14.27 23.17 -2.92
CA ASN A 81 -14.23 23.86 -4.22
C ASN A 81 -14.22 22.85 -5.38
N SER A 82 -15.12 21.87 -5.27
CA SER A 82 -15.37 20.92 -6.34
C SER A 82 -14.11 20.23 -6.84
N THR A 83 -13.33 19.69 -5.91
CA THR A 83 -12.28 18.75 -6.25
C THR A 83 -13.00 17.48 -6.70
N ALA A 84 -12.85 17.15 -7.98
CA ALA A 84 -13.44 15.93 -8.52
C ALA A 84 -12.54 14.72 -8.25
N ALA A 85 -13.12 13.52 -8.32
CA ALA A 85 -12.34 12.30 -8.20
C ALA A 85 -11.28 12.18 -9.30
N THR A 86 -10.14 11.60 -8.96
CA THR A 86 -9.12 11.27 -9.95
C THR A 86 -9.34 9.85 -10.46
N ASN A 87 -9.63 9.75 -11.77
CA ASN A 87 -9.75 8.48 -12.50
C ASN A 87 -8.45 7.68 -12.45
N GLU A 88 -8.38 6.71 -11.53
CA GLU A 88 -7.24 5.79 -11.48
C GLU A 88 -7.29 4.77 -12.63
N VAL A 89 -6.30 3.90 -12.70
CA VAL A 89 -6.24 2.91 -13.78
C VAL A 89 -6.31 1.48 -13.24
N PRO A 90 -7.30 0.71 -13.73
CA PRO A 90 -7.67 -0.61 -13.24
C PRO A 90 -6.78 -1.79 -13.66
N GLU A 91 -6.59 -2.70 -12.70
CA GLU A 91 -5.77 -3.91 -12.84
C GLU A 91 -6.67 -5.11 -13.17
N VAL A 92 -6.50 -5.67 -14.37
CA VAL A 92 -7.42 -6.72 -14.85
C VAL A 92 -6.82 -8.07 -15.18
N THR A 93 -7.48 -9.12 -14.72
CA THR A 93 -7.03 -10.51 -14.84
C THR A 93 -8.21 -11.36 -15.31
N VAL A 94 -7.94 -12.52 -15.90
CA VAL A 94 -8.94 -13.57 -15.97
C VAL A 94 -8.37 -14.95 -15.74
N PHE A 95 -9.01 -15.71 -14.87
CA PHE A 95 -8.58 -17.04 -14.54
C PHE A 95 -9.78 -17.95 -14.32
N SER A 96 -9.54 -19.26 -14.34
CA SER A 96 -10.60 -20.22 -14.14
C SER A 96 -10.79 -20.56 -12.65
N LYS A 97 -11.99 -21.02 -12.31
CA LYS A 97 -12.37 -21.22 -10.93
C LYS A 97 -11.76 -22.52 -10.42
N SER A 98 -11.32 -23.32 -11.40
CA SER A 98 -10.91 -24.69 -11.21
C SER A 98 -10.13 -25.13 -12.43
N PRO A 99 -9.31 -26.17 -12.28
CA PRO A 99 -8.48 -26.69 -13.38
C PRO A 99 -9.35 -26.97 -14.59
N VAL A 100 -8.80 -26.83 -15.79
CA VAL A 100 -9.63 -26.83 -17.01
C VAL A 100 -9.45 -28.09 -17.83
N THR A 101 -10.55 -28.82 -18.05
CA THR A 101 -10.55 -30.03 -18.89
C THR A 101 -11.49 -29.96 -20.09
N LEU A 102 -10.92 -29.70 -21.28
CA LEU A 102 -11.64 -29.61 -22.55
C LEU A 102 -12.86 -30.54 -22.56
N GLY A 103 -14.05 -29.94 -22.56
CA GLY A 103 -15.27 -30.72 -22.52
C GLY A 103 -15.99 -30.68 -21.18
N GLN A 104 -15.26 -30.44 -20.10
CA GLN A 104 -15.88 -30.44 -18.75
C GLN A 104 -16.13 -29.03 -18.24
N PRO A 105 -17.39 -28.75 -17.80
CA PRO A 105 -17.84 -27.38 -17.41
C PRO A 105 -17.03 -26.71 -16.30
N ASN A 106 -16.87 -25.39 -16.43
CA ASN A 106 -16.06 -24.58 -15.50
C ASN A 106 -16.56 -23.12 -15.51
N THR A 107 -15.85 -22.23 -14.79
CA THR A 107 -16.19 -20.80 -14.76
C THR A 107 -14.97 -19.90 -14.99
N LEU A 108 -15.12 -18.87 -15.83
CA LEU A 108 -14.06 -17.87 -15.93
C LEU A 108 -14.21 -16.77 -14.90
N ILE A 109 -13.18 -16.49 -14.11
CA ILE A 109 -13.33 -15.35 -13.23
C ILE A 109 -12.53 -14.17 -13.68
N CYS A 110 -13.21 -13.10 -14.06
CA CYS A 110 -12.53 -11.86 -14.47
C CYS A 110 -12.52 -10.83 -13.35
N LEU A 111 -11.31 -10.56 -12.84
CA LEU A 111 -11.10 -9.67 -11.67
C LEU A 111 -10.58 -8.28 -12.03
N VAL A 112 -11.50 -7.32 -12.11
CA VAL A 112 -11.18 -5.92 -12.36
C VAL A 112 -10.93 -5.20 -11.04
N ASP A 113 -9.66 -4.82 -10.85
CA ASP A 113 -9.12 -4.26 -9.60
C ASP A 113 -8.63 -2.80 -9.79
N ASN A 114 -8.43 -2.10 -8.68
CA ASN A 114 -8.10 -0.66 -8.65
C ASN A 114 -9.11 0.15 -9.47
N ILE A 115 -10.37 0.05 -9.04
CA ILE A 115 -11.44 0.73 -9.74
C ILE A 115 -11.75 1.98 -8.95
N PHE A 116 -11.71 3.11 -9.65
CA PHE A 116 -12.10 4.40 -9.08
C PHE A 116 -12.20 5.47 -10.14
N PRO A 117 -13.36 6.14 -10.22
CA PRO A 117 -14.49 5.98 -9.30
C PRO A 117 -15.28 4.72 -9.62
N PRO A 118 -16.19 4.32 -8.69
CA PRO A 118 -17.01 3.11 -8.82
C PRO A 118 -17.99 3.18 -9.98
N VAL A 119 -17.47 3.16 -11.20
CA VAL A 119 -18.28 3.23 -12.43
C VAL A 119 -17.53 2.44 -13.49
N VAL A 120 -18.20 1.45 -14.06
CA VAL A 120 -17.51 0.43 -14.83
C VAL A 120 -18.48 -0.47 -15.57
N ASN A 121 -18.06 -0.89 -16.75
CA ASN A 121 -18.83 -1.80 -17.59
C ASN A 121 -18.05 -3.07 -17.90
N ILE A 122 -18.13 -4.04 -16.99
CA ILE A 122 -17.49 -5.35 -17.20
C ILE A 122 -18.41 -6.27 -17.99
N THR A 123 -18.05 -6.54 -19.25
CA THR A 123 -18.82 -7.47 -20.09
C THR A 123 -17.94 -8.64 -20.54
N TRP A 124 -18.59 -9.72 -20.98
CA TRP A 124 -17.87 -10.90 -21.52
C TRP A 124 -17.93 -11.01 -23.06
N LEU A 125 -17.09 -11.87 -23.65
CA LEU A 125 -17.04 -12.05 -25.13
C LEU A 125 -16.67 -13.45 -25.65
N SER A 126 -17.65 -14.15 -26.20
CA SER A 126 -17.41 -15.46 -26.82
C SER A 126 -17.12 -15.28 -28.30
N ASN A 127 -15.88 -15.57 -28.68
CA ASN A 127 -15.40 -15.46 -30.05
C ASN A 127 -15.66 -14.07 -30.63
N GLY A 128 -15.63 -13.07 -29.73
CA GLY A 128 -15.77 -11.65 -30.11
C GLY A 128 -17.20 -11.15 -30.30
N HIS A 129 -18.17 -11.97 -29.95
CA HIS A 129 -19.58 -11.56 -29.93
C HIS A 129 -19.99 -11.66 -28.49
N SER A 130 -20.55 -10.59 -27.94
CA SER A 130 -20.74 -10.48 -26.50
C SER A 130 -21.72 -11.49 -25.93
N VAL A 131 -21.32 -12.11 -24.82
CA VAL A 131 -22.19 -13.01 -24.10
C VAL A 131 -22.82 -12.28 -22.92
N THR A 132 -24.12 -12.53 -22.73
CA THR A 132 -24.89 -11.84 -21.71
C THR A 132 -25.61 -12.85 -20.79
N GLU A 133 -25.52 -14.13 -21.16
CA GLU A 133 -26.28 -15.21 -20.48
C GLU A 133 -25.34 -16.23 -19.83
N GLY A 134 -25.41 -16.37 -18.51
CA GLY A 134 -24.44 -17.17 -17.73
C GLY A 134 -23.43 -16.29 -17.02
N VAL A 135 -23.59 -14.98 -17.20
CA VAL A 135 -22.81 -13.96 -16.52
C VAL A 135 -23.44 -13.64 -15.17
N SER A 136 -22.67 -12.97 -14.31
CA SER A 136 -23.12 -12.52 -13.01
C SER A 136 -21.90 -11.93 -12.36
N GLU A 137 -22.08 -10.78 -11.70
CA GLU A 137 -20.97 -10.13 -11.02
C GLU A 137 -21.22 -9.87 -9.53
N THR A 138 -20.13 -9.62 -8.82
CA THR A 138 -20.19 -9.16 -7.46
C THR A 138 -20.52 -7.67 -7.48
N SER A 139 -20.89 -7.11 -6.34
CA SER A 139 -21.05 -5.69 -6.25
C SER A 139 -19.68 -5.06 -6.34
N PHE A 140 -19.54 -3.87 -5.78
CA PHE A 140 -18.24 -3.29 -5.60
C PHE A 140 -17.69 -3.72 -4.24
N LEU A 141 -16.50 -4.28 -4.28
CA LEU A 141 -15.82 -4.69 -3.08
C LEU A 141 -14.82 -3.61 -2.66
N SER A 142 -14.88 -3.22 -1.38
CA SER A 142 -14.04 -2.15 -0.82
C SER A 142 -12.60 -2.63 -0.60
N LYS A 143 -11.65 -1.70 -0.65
CA LYS A 143 -10.27 -1.97 -0.22
C LYS A 143 -9.77 -0.78 0.60
N SER A 144 -8.70 -0.96 1.38
CA SER A 144 -8.35 0.00 2.43
C SER A 144 -7.63 1.28 1.98
N ASP A 145 -7.41 1.40 0.67
CA ASP A 145 -6.92 2.66 0.08
C ASP A 145 -8.05 3.31 -0.72
N HIS A 146 -9.26 2.86 -0.45
CA HIS A 146 -10.53 3.48 -0.88
C HIS A 146 -10.83 3.43 -2.37
N SER A 147 -10.10 2.57 -3.08
CA SER A 147 -10.51 2.13 -4.41
C SER A 147 -11.42 0.91 -4.25
N PHE A 148 -11.78 0.28 -5.36
CA PHE A 148 -12.66 -0.88 -5.32
C PHE A 148 -12.21 -1.96 -6.30
N PHE A 149 -12.86 -3.13 -6.18
CA PHE A 149 -12.79 -4.18 -7.18
C PHE A 149 -14.15 -4.81 -7.41
N LYS A 150 -14.33 -5.26 -8.64
CA LYS A 150 -15.54 -5.92 -9.09
C LYS A 150 -15.07 -7.19 -9.78
N ILE A 151 -15.83 -8.27 -9.60
CA ILE A 151 -15.50 -9.55 -10.23
C ILE A 151 -16.70 -10.10 -10.99
N SER A 152 -16.51 -10.31 -12.29
CA SER A 152 -17.54 -10.89 -13.13
C SER A 152 -17.23 -12.36 -13.38
N TYR A 153 -18.28 -13.15 -13.54
CA TYR A 153 -18.18 -14.60 -13.69
C TYR A 153 -18.85 -15.03 -14.99
N LEU A 154 -18.29 -16.02 -15.69
CA LEU A 154 -18.91 -16.57 -16.88
C LEU A 154 -18.78 -18.09 -16.93
N THR A 155 -19.94 -18.77 -16.85
CA THR A 155 -19.98 -20.23 -16.83
C THR A 155 -19.84 -20.62 -18.28
N PHE A 156 -18.91 -21.56 -18.53
CA PHE A 156 -18.58 -21.96 -19.90
C PHE A 156 -18.19 -23.43 -19.98
N LEU A 157 -18.33 -23.98 -21.18
CA LEU A 157 -17.90 -25.33 -21.47
C LEU A 157 -16.59 -25.23 -22.29
N PRO A 158 -15.46 -25.57 -21.64
CA PRO A 158 -14.14 -25.56 -22.29
C PRO A 158 -14.22 -26.43 -23.50
N SER A 159 -13.86 -25.89 -24.65
CA SER A 159 -13.74 -26.69 -25.88
C SER A 159 -12.71 -25.99 -26.73
N ALA A 160 -11.98 -26.78 -27.50
CA ALA A 160 -10.93 -26.25 -28.38
C ALA A 160 -11.54 -25.40 -29.53
N ASP A 161 -12.71 -24.83 -29.27
CA ASP A 161 -13.51 -24.14 -30.27
C ASP A 161 -13.92 -22.70 -29.94
N GLU A 162 -13.91 -22.38 -28.64
CA GLU A 162 -14.50 -21.14 -28.11
C GLU A 162 -13.48 -20.34 -27.26
N ILE A 163 -13.42 -19.02 -27.48
CA ILE A 163 -12.38 -18.16 -26.88
C ILE A 163 -12.95 -16.84 -26.37
N TYR A 164 -12.49 -16.43 -25.18
CA TYR A 164 -13.20 -15.44 -24.35
C TYR A 164 -12.35 -14.21 -23.96
N ASP A 165 -13.05 -13.09 -23.80
CA ASP A 165 -12.44 -11.78 -23.58
C ASP A 165 -13.25 -11.00 -22.56
N CYS A 166 -12.57 -10.48 -21.55
CA CYS A 166 -13.20 -9.64 -20.54
C CYS A 166 -13.09 -8.18 -20.99
N LYS A 167 -14.13 -7.67 -21.65
CA LYS A 167 -14.16 -6.25 -22.08
C LYS A 167 -14.51 -5.33 -20.91
N VAL A 168 -13.52 -4.61 -20.41
CA VAL A 168 -13.74 -3.71 -19.28
C VAL A 168 -13.65 -2.24 -19.68
N GLU A 169 -14.79 -1.56 -19.60
CA GLU A 169 -14.92 -0.12 -19.90
C GLU A 169 -14.82 0.71 -18.61
N HIS A 170 -13.88 1.66 -18.59
CA HIS A 170 -13.67 2.55 -17.43
C HIS A 170 -12.80 3.75 -17.80
N TRP A 171 -13.28 4.95 -17.44
CA TRP A 171 -12.66 6.26 -17.81
C TRP A 171 -11.15 6.38 -17.64
N GLY A 172 -10.59 5.62 -16.69
CA GLY A 172 -9.13 5.59 -16.50
C GLY A 172 -8.39 5.14 -17.76
N LEU A 173 -9.06 4.33 -18.57
CA LEU A 173 -8.53 3.80 -19.82
C LEU A 173 -8.87 4.63 -21.06
N ASP A 174 -7.97 4.61 -22.04
CA ASP A 174 -8.20 5.26 -23.34
C ASP A 174 -9.24 4.49 -24.15
N GLU A 175 -9.02 3.19 -24.31
CA GLU A 175 -9.96 2.29 -24.95
C GLU A 175 -10.32 1.16 -23.98
N PRO A 176 -11.50 0.53 -24.18
CA PRO A 176 -11.92 -0.61 -23.35
C PRO A 176 -10.86 -1.72 -23.33
N LEU A 177 -10.53 -2.21 -22.15
CA LEU A 177 -9.51 -3.25 -22.03
C LEU A 177 -10.10 -4.59 -22.41
N LEU A 178 -9.37 -5.31 -23.27
CA LEU A 178 -9.63 -6.73 -23.47
C LEU A 178 -8.56 -7.58 -22.80
N LYS A 179 -8.94 -8.30 -21.75
CA LYS A 179 -8.14 -9.42 -21.31
C LYS A 179 -8.73 -10.61 -22.04
N HIS A 180 -7.85 -11.50 -22.47
CA HIS A 180 -8.24 -12.55 -23.37
C HIS A 180 -7.76 -13.82 -22.73
N TRP A 181 -8.46 -14.91 -23.00
CA TRP A 181 -8.20 -16.18 -22.35
C TRP A 181 -8.52 -17.32 -23.31
N GLU A 182 -7.66 -18.33 -23.33
CA GLU A 182 -8.00 -19.58 -24.01
C GLU A 182 -7.72 -20.83 -23.16
N PRO A 183 -8.40 -21.94 -23.48
CA PRO A 183 -7.94 -23.21 -22.96
C PRO A 183 -6.72 -23.70 -23.73
N GLU A 184 -5.94 -24.58 -23.13
CA GLU A 184 -4.84 -25.23 -23.85
C GLU A 184 -5.35 -26.53 -24.50
N ILE A 185 -4.99 -26.72 -25.76
CA ILE A 185 -5.51 -27.86 -26.52
C ILE A 185 -4.50 -28.99 -26.64
N PRO B 5 -31.39 -9.99 18.97
CA PRO B 5 -30.81 -11.34 18.81
C PRO B 5 -30.95 -11.90 17.38
N GLN B 6 -31.82 -11.28 16.58
CA GLN B 6 -32.16 -11.78 15.26
C GLN B 6 -31.33 -11.19 14.09
N PRO B 7 -31.49 -9.87 13.78
CA PRO B 7 -30.80 -9.31 12.61
C PRO B 7 -29.40 -8.74 12.89
N GLU B 8 -28.62 -8.57 11.84
CA GLU B 8 -27.32 -7.92 11.91
C GLU B 8 -27.55 -6.43 12.14
N GLN B 9 -26.57 -5.77 12.75
CA GLN B 9 -26.60 -4.30 12.91
C GLN B 9 -25.56 -3.61 12.01
N PRO B 10 -25.71 -2.29 11.79
CA PRO B 10 -24.62 -1.51 11.19
C PRO B 10 -24.34 -0.16 11.84
N GLU B 11 -23.35 0.54 11.32
CA GLU B 11 -22.97 1.84 11.82
C GLU B 11 -23.69 2.95 11.05
N GLN B 12 -23.99 4.05 11.75
CA GLN B 12 -24.85 5.11 11.25
C GLN B 12 -24.09 6.43 11.13
N PRO B 13 -23.98 6.99 9.89
CA PRO B 13 -23.35 8.30 9.61
C PRO B 13 -24.20 9.46 10.12
N PHE B 14 -23.70 10.68 10.00
CA PHE B 14 -24.42 11.80 10.57
C PHE B 14 -24.57 13.04 9.70
N PRO B 15 -25.68 13.79 9.91
CA PRO B 15 -25.78 15.04 9.17
C PRO B 15 -24.75 16.04 9.67
N GLN B 16 -23.88 16.43 8.75
CA GLN B 16 -23.02 17.59 8.95
C GLN B 16 -23.42 18.59 7.87
N PRO B 17 -23.95 19.76 8.27
CA PRO B 17 -24.01 20.90 7.33
C PRO B 17 -22.63 21.58 7.18
N SER B 36 -14.35 12.62 -20.78
CA SER B 36 -14.01 11.94 -19.48
C SER B 36 -14.78 12.55 -18.30
N PRO B 37 -16.08 12.17 -18.15
CA PRO B 37 -17.00 12.76 -17.16
C PRO B 37 -16.41 12.96 -15.77
N GLU B 38 -16.91 13.97 -15.08
CA GLU B 38 -16.44 14.25 -13.74
C GLU B 38 -17.40 13.66 -12.71
N ASP B 39 -16.81 13.13 -11.65
CA ASP B 39 -17.58 12.51 -10.61
C ASP B 39 -17.06 12.88 -9.23
N PHE B 40 -17.99 13.07 -8.29
CA PHE B 40 -17.67 13.31 -6.90
C PHE B 40 -18.16 12.11 -6.12
N VAL B 41 -17.27 11.50 -5.33
CA VAL B 41 -17.63 10.30 -4.59
C VAL B 41 -17.53 10.49 -3.08
N TYR B 42 -18.52 9.99 -2.35
CA TYR B 42 -18.47 9.97 -0.91
C TYR B 42 -18.64 8.54 -0.42
N GLN B 43 -17.82 8.15 0.55
CA GLN B 43 -17.88 6.81 1.11
C GLN B 43 -18.00 6.90 2.61
N PHE B 44 -18.59 5.88 3.20
CA PHE B 44 -18.57 5.72 4.66
C PHE B 44 -18.44 4.24 4.98
N LYS B 45 -17.35 3.89 5.64
CA LYS B 45 -17.04 2.51 5.94
C LYS B 45 -17.14 2.39 7.44
N GLY B 46 -17.90 1.42 7.91
CA GLY B 46 -17.96 1.20 9.33
C GLY B 46 -17.22 -0.05 9.65
N MET B 47 -15.90 0.03 9.76
CA MET B 47 -15.10 -1.16 10.07
C MET B 47 -15.22 -1.63 11.56
N CYS B 48 -15.33 -2.94 11.75
CA CYS B 48 -15.07 -3.57 13.04
C CYS B 48 -13.78 -4.39 12.86
N TYR B 49 -13.07 -4.60 13.96
CA TYR B 49 -11.77 -5.27 13.92
C TYR B 49 -11.64 -6.28 15.05
N PHE B 50 -11.59 -7.57 14.70
CA PHE B 50 -11.68 -8.65 15.69
C PHE B 50 -10.38 -9.39 15.95
N THR B 51 -10.08 -9.66 17.23
CA THR B 51 -8.94 -10.49 17.62
C THR B 51 -9.28 -11.25 18.91
N ASN B 52 -8.92 -12.55 18.95
CA ASN B 52 -9.30 -13.47 20.04
C ASN B 52 -10.82 -13.59 20.26
N GLY B 53 -11.55 -13.73 19.16
CA GLY B 53 -13.02 -13.73 19.19
C GLY B 53 -13.57 -12.34 19.47
N THR B 54 -14.18 -12.18 20.65
CA THR B 54 -14.72 -10.87 21.07
C THR B 54 -13.87 -10.26 22.19
N GLU B 55 -12.64 -10.76 22.34
CA GLU B 55 -11.75 -10.26 23.38
C GLU B 55 -11.04 -8.93 23.00
N ARG B 56 -10.75 -8.73 21.72
CA ARG B 56 -10.26 -7.43 21.23
C ARG B 56 -11.01 -6.97 19.96
N VAL B 57 -11.80 -5.91 20.15
CA VAL B 57 -12.67 -5.39 19.11
C VAL B 57 -12.44 -3.89 19.00
N ARG B 58 -12.07 -3.42 17.82
CA ARG B 58 -11.92 -2.00 17.62
C ARG B 58 -12.90 -1.60 16.55
N LEU B 59 -13.74 -0.59 16.84
CA LEU B 59 -14.60 -0.01 15.81
C LEU B 59 -13.96 1.24 15.27
N VAL B 60 -13.75 1.28 13.95
CA VAL B 60 -13.44 2.53 13.30
C VAL B 60 -14.63 2.96 12.44
N SER B 61 -14.67 4.23 12.04
CA SER B 61 -15.78 4.78 11.28
C SER B 61 -15.29 5.81 10.30
N ARG B 62 -15.14 5.42 9.04
CA ARG B 62 -14.40 6.28 8.12
C ARG B 62 -15.26 7.03 7.12
N SER B 63 -15.29 8.36 7.26
CA SER B 63 -15.94 9.24 6.28
C SER B 63 -14.90 9.66 5.23
N ILE B 64 -15.24 9.45 3.96
CA ILE B 64 -14.27 9.55 2.87
C ILE B 64 -14.77 10.37 1.70
N TYR B 65 -14.09 11.47 1.38
CA TYR B 65 -14.42 12.24 0.20
C TYR B 65 -13.53 11.80 -0.94
N ASN B 66 -14.11 11.21 -1.97
CA ASN B 66 -13.34 10.50 -2.96
C ASN B 66 -12.47 9.46 -2.24
N ARG B 67 -11.16 9.71 -2.22
CA ARG B 67 -10.18 8.82 -1.58
C ARG B 67 -9.65 9.39 -0.27
N GLU B 68 -9.79 10.70 -0.08
CA GLU B 68 -9.35 11.34 1.16
C GLU B 68 -10.24 10.87 2.32
N GLU B 69 -9.65 10.17 3.29
CA GLU B 69 -10.33 9.99 4.57
C GLU B 69 -10.33 11.35 5.23
N ILE B 70 -11.48 11.80 5.70
CA ILE B 70 -11.60 13.15 6.26
C ILE B 70 -12.03 13.19 7.72
N VAL B 71 -12.79 12.21 8.17
CA VAL B 71 -13.18 12.17 9.57
C VAL B 71 -13.24 10.73 10.01
N ARG B 72 -13.09 10.52 11.31
CA ARG B 72 -12.96 9.18 11.84
C ARG B 72 -13.40 9.05 13.28
N PHE B 73 -14.16 8.01 13.57
CA PHE B 73 -14.38 7.68 14.96
C PHE B 73 -13.78 6.35 15.27
N ASP B 74 -12.63 6.38 15.92
CA ASP B 74 -11.95 5.16 16.30
C ASP B 74 -12.11 4.94 17.80
N SER B 75 -12.75 3.82 18.15
CA SER B 75 -13.17 3.56 19.52
C SER B 75 -12.04 3.42 20.54
N ASP B 76 -10.81 3.21 20.07
CA ASP B 76 -9.62 3.27 20.95
C ASP B 76 -9.31 4.71 21.34
N VAL B 77 -10.22 5.62 20.96
CA VAL B 77 -10.01 7.05 21.05
C VAL B 77 -11.18 7.72 21.77
N GLY B 78 -12.40 7.31 21.47
CA GLY B 78 -13.58 7.78 22.20
C GLY B 78 -14.29 9.03 21.70
N GLU B 79 -13.74 9.68 20.68
CA GLU B 79 -14.36 10.85 20.07
C GLU B 79 -14.09 10.89 18.59
N PHE B 80 -14.79 11.77 17.88
CA PHE B 80 -14.52 12.02 16.45
C PHE B 80 -13.23 12.81 16.30
N ARG B 81 -12.55 12.63 15.16
CA ARG B 81 -11.36 13.41 14.83
C ARG B 81 -11.35 13.65 13.34
N ALA B 82 -11.03 14.87 12.92
CA ALA B 82 -10.82 15.12 11.50
C ALA B 82 -9.50 14.51 11.07
N VAL B 83 -9.23 14.43 9.78
CA VAL B 83 -7.95 13.93 9.33
C VAL B 83 -7.44 14.76 8.16
N THR B 84 -8.36 15.36 7.41
CA THR B 84 -7.98 16.46 6.55
C THR B 84 -8.78 17.68 6.97
N LEU B 85 -8.18 18.84 6.76
CA LEU B 85 -8.85 20.12 6.98
C LEU B 85 -10.34 19.98 6.72
N LEU B 86 -10.69 19.48 5.54
CA LEU B 86 -12.09 19.32 5.13
C LEU B 86 -13.02 18.75 6.20
N GLY B 87 -12.53 17.78 6.95
CA GLY B 87 -13.39 17.06 7.88
C GLY B 87 -13.63 17.72 9.22
N LEU B 88 -13.05 18.90 9.42
CA LEU B 88 -13.01 19.54 10.74
C LEU B 88 -14.36 20.04 11.27
N PRO B 89 -15.15 20.75 10.44
CA PRO B 89 -16.46 21.18 10.91
C PRO B 89 -17.31 19.97 11.28
N ALA B 90 -17.28 18.97 10.41
CA ALA B 90 -17.98 17.71 10.62
C ALA B 90 -17.72 17.18 12.03
N ALA B 91 -16.45 17.12 12.41
CA ALA B 91 -16.06 16.58 13.71
C ALA B 91 -16.45 17.50 14.88
N GLU B 92 -15.94 18.73 14.86
CA GLU B 92 -16.29 19.77 15.84
C GLU B 92 -17.72 19.66 16.31
N TYR B 93 -18.61 19.64 15.32
CA TYR B 93 -20.05 19.56 15.56
C TYR B 93 -20.46 18.29 16.28
N TRP B 94 -20.12 17.14 15.69
CA TRP B 94 -20.55 15.86 16.23
C TRP B 94 -20.07 15.66 17.67
N ASN B 95 -18.80 15.99 17.93
CA ASN B 95 -18.22 15.82 19.26
C ASN B 95 -18.95 16.65 20.33
N SER B 96 -19.51 17.78 19.91
CA SER B 96 -20.33 18.60 20.81
C SER B 96 -21.65 17.88 21.15
N GLN B 97 -22.27 17.26 20.14
CA GLN B 97 -23.55 16.55 20.30
C GLN B 97 -23.44 15.29 21.17
N LYS B 98 -23.68 15.51 22.47
CA LYS B 98 -23.58 14.51 23.55
C LYS B 98 -24.23 13.15 23.28
N ASP B 99 -25.38 13.16 22.62
CA ASP B 99 -26.14 11.94 22.36
C ASP B 99 -25.54 11.06 21.29
N ILE B 100 -24.85 11.68 20.31
CA ILE B 100 -24.17 10.95 19.24
C ILE B 100 -22.98 10.16 19.79
N LEU B 101 -22.07 10.83 20.48
CA LEU B 101 -21.00 10.14 21.18
C LEU B 101 -21.58 8.97 21.97
N GLU B 102 -22.46 9.30 22.91
CA GLU B 102 -23.24 8.34 23.70
C GLU B 102 -23.47 7.05 22.90
N ARG B 103 -23.97 7.21 21.67
CA ARG B 103 -24.34 6.10 20.80
C ARG B 103 -23.12 5.45 20.18
N LYS B 104 -22.28 6.29 19.58
CA LYS B 104 -21.10 5.85 18.85
C LYS B 104 -20.09 5.18 19.75
N ARG B 105 -20.07 5.57 21.02
CA ARG B 105 -19.24 4.91 22.01
C ARG B 105 -19.64 3.46 22.20
N ALA B 106 -20.94 3.19 22.10
CA ALA B 106 -21.49 1.87 22.40
C ALA B 106 -21.86 1.06 21.17
N ALA B 107 -21.47 1.53 19.99
CA ALA B 107 -21.70 0.80 18.75
C ALA B 107 -20.72 -0.37 18.57
N VAL B 108 -19.62 -0.33 19.31
CA VAL B 108 -18.66 -1.45 19.36
C VAL B 108 -19.26 -2.65 20.11
N ASP B 109 -20.23 -2.37 20.98
CA ASP B 109 -21.00 -3.42 21.65
C ASP B 109 -22.36 -3.64 20.95
N ARG B 110 -22.97 -2.56 20.44
CA ARG B 110 -24.24 -2.66 19.70
C ARG B 110 -24.06 -3.25 18.30
N VAL B 111 -23.01 -2.84 17.59
CA VAL B 111 -22.85 -3.21 16.16
C VAL B 111 -21.77 -4.26 15.89
N CYS B 112 -20.69 -4.23 16.66
CA CYS B 112 -19.55 -5.11 16.36
C CYS B 112 -19.69 -6.48 16.98
N ARG B 113 -19.80 -6.53 18.31
CA ARG B 113 -19.92 -7.79 19.02
C ARG B 113 -21.16 -8.53 18.58
N HIS B 114 -22.26 -7.80 18.39
CA HIS B 114 -23.49 -8.38 17.89
C HIS B 114 -23.20 -9.24 16.65
N ASN B 115 -22.86 -8.59 15.54
CA ASN B 115 -22.70 -9.28 14.27
C ASN B 115 -21.67 -10.40 14.29
N TYR B 116 -20.66 -10.27 15.13
CA TYR B 116 -19.72 -11.37 15.38
C TYR B 116 -20.39 -12.59 16.04
N GLN B 117 -21.38 -12.35 16.91
CA GLN B 117 -22.18 -13.45 17.47
C GLN B 117 -23.00 -14.17 16.41
N LEU B 118 -23.73 -13.39 15.60
CA LEU B 118 -24.43 -13.93 14.45
C LEU B 118 -23.42 -14.47 13.43
N GLU B 119 -22.19 -13.94 13.49
CA GLU B 119 -21.12 -14.38 12.61
C GLU B 119 -20.59 -15.75 13.01
N LEU B 120 -20.32 -15.89 14.30
CA LEU B 120 -19.83 -17.12 14.91
C LEU B 120 -20.72 -18.30 14.55
N ARG B 121 -21.99 -18.00 14.26
CA ARG B 121 -23.03 -19.00 14.00
C ARG B 121 -23.29 -19.24 12.52
N THR B 122 -22.53 -18.62 11.64
CA THR B 122 -22.71 -18.82 10.20
C THR B 122 -21.36 -18.86 9.47
N THR B 123 -20.96 -17.70 8.93
CA THR B 123 -19.70 -17.51 8.20
C THR B 123 -18.53 -18.28 8.81
N LEU B 124 -18.44 -18.19 10.13
CA LEU B 124 -17.32 -18.71 10.87
C LEU B 124 -17.56 -20.14 11.30
N GLN B 125 -18.44 -20.83 10.60
CA GLN B 125 -18.63 -22.25 10.83
C GLN B 125 -18.59 -22.98 9.50
N ARG B 126 -18.79 -22.23 8.43
CA ARG B 126 -18.78 -22.76 7.09
C ARG B 126 -17.36 -23.14 6.65
N ARG B 127 -17.15 -24.44 6.42
CA ARG B 127 -15.90 -24.95 5.83
C ARG B 127 -16.16 -25.59 4.48
N VAL B 128 -15.17 -25.52 3.59
CA VAL B 128 -15.28 -26.06 2.22
C VAL B 128 -13.99 -26.80 1.82
N GLU B 129 -14.05 -28.11 1.67
CA GLU B 129 -12.84 -28.92 1.40
C GLU B 129 -12.17 -28.57 0.07
N PRO B 130 -10.89 -28.19 0.13
CA PRO B 130 -10.20 -27.84 -1.11
C PRO B 130 -10.12 -29.04 -2.00
N THR B 131 -9.95 -28.85 -3.30
CA THR B 131 -9.81 -30.00 -4.19
C THR B 131 -8.51 -29.93 -5.01
N VAL B 132 -7.61 -30.88 -4.74
CA VAL B 132 -6.22 -30.86 -5.20
C VAL B 132 -6.01 -31.56 -6.54
N THR B 133 -5.23 -30.95 -7.43
CA THR B 133 -4.98 -31.53 -8.76
C THR B 133 -3.56 -31.27 -9.22
N ILE B 134 -2.85 -32.30 -9.65
CA ILE B 134 -1.50 -32.15 -10.14
C ILE B 134 -1.45 -32.40 -11.64
N SER B 135 -0.70 -31.56 -12.35
CA SER B 135 -0.63 -31.63 -13.81
C SER B 135 0.64 -30.93 -14.28
N PRO B 136 1.25 -31.43 -15.38
CA PRO B 136 2.51 -30.93 -15.98
C PRO B 136 2.60 -29.43 -16.26
N SER B 137 3.82 -28.93 -16.46
CA SER B 137 4.13 -27.53 -16.81
C SER B 137 3.05 -26.84 -17.67
N ASN B 146 11.42 -29.25 -16.80
CA ASN B 146 9.98 -29.51 -16.76
C ASN B 146 9.30 -29.07 -15.44
N LEU B 147 8.24 -28.28 -15.55
CA LEU B 147 7.55 -27.75 -14.36
C LEU B 147 6.34 -28.59 -13.98
N LEU B 148 5.79 -28.34 -12.79
CA LEU B 148 4.78 -29.22 -12.22
C LEU B 148 3.91 -28.43 -11.26
N VAL B 149 2.60 -28.38 -11.51
CA VAL B 149 1.68 -27.48 -10.77
C VAL B 149 0.69 -28.23 -9.89
N CYS B 150 0.80 -28.09 -8.57
CA CYS B 150 -0.22 -28.58 -7.68
C CYS B 150 -1.27 -27.49 -7.53
N SER B 151 -2.50 -27.79 -7.93
CA SER B 151 -3.58 -26.79 -7.96
C SER B 151 -4.61 -27.04 -6.87
N VAL B 152 -4.69 -26.15 -5.90
CA VAL B 152 -5.63 -26.29 -4.80
C VAL B 152 -6.84 -25.36 -4.97
N THR B 153 -7.97 -25.93 -5.38
CA THR B 153 -9.11 -25.13 -5.84
C THR B 153 -10.33 -25.27 -4.94
N ASP B 154 -11.09 -24.18 -4.80
CA ASP B 154 -12.30 -24.09 -3.95
C ASP B 154 -12.18 -24.41 -2.45
N PHE B 155 -11.66 -23.49 -1.63
CA PHE B 155 -11.67 -23.69 -0.17
C PHE B 155 -12.00 -22.46 0.62
N TYR B 156 -12.56 -22.67 1.80
CA TYR B 156 -12.82 -21.58 2.72
C TYR B 156 -12.73 -22.23 4.08
N PRO B 157 -12.17 -21.56 5.11
CA PRO B 157 -11.52 -20.26 5.28
C PRO B 157 -10.23 -20.06 4.50
N ALA B 158 -9.63 -18.89 4.68
CA ALA B 158 -8.46 -18.49 3.93
C ALA B 158 -7.20 -19.26 4.32
N GLN B 159 -7.17 -19.79 5.56
CA GLN B 159 -5.92 -20.32 6.10
C GLN B 159 -5.60 -21.72 5.61
N ILE B 160 -4.59 -21.79 4.76
CA ILE B 160 -4.18 -23.03 4.13
C ILE B 160 -2.67 -23.19 4.21
N LYS B 161 -2.22 -24.44 4.25
CA LYS B 161 -0.79 -24.79 4.24
C LYS B 161 -0.54 -25.86 3.19
N VAL B 162 0.29 -25.57 2.21
CA VAL B 162 0.59 -26.53 1.14
C VAL B 162 2.06 -26.89 1.18
N ARG B 163 2.35 -28.17 0.97
CA ARG B 163 3.73 -28.64 0.95
C ARG B 163 3.95 -29.59 -0.22
N TRP B 164 5.10 -29.47 -0.88
CA TRP B 164 5.52 -30.47 -1.86
C TRP B 164 6.44 -31.53 -1.21
N PHE B 165 6.55 -32.69 -1.85
CA PHE B 165 7.50 -33.75 -1.42
C PHE B 165 8.08 -34.50 -2.62
N ARG B 166 9.41 -34.58 -2.68
CA ARG B 166 10.08 -35.48 -3.62
C ARG B 166 10.57 -36.72 -2.85
N ASN B 167 9.88 -37.84 -3.05
CA ASN B 167 10.16 -39.09 -2.33
C ASN B 167 10.10 -38.95 -0.81
N ASP B 168 8.89 -38.82 -0.27
CA ASP B 168 8.67 -38.64 1.17
C ASP B 168 9.71 -37.72 1.84
N GLN B 169 10.01 -36.60 1.20
CA GLN B 169 11.12 -35.69 1.59
C GLN B 169 10.93 -34.22 1.18
N GLU B 170 10.56 -33.37 2.13
CA GLU B 170 10.07 -32.01 1.83
C GLU B 170 10.99 -31.22 0.89
N GLU B 171 10.47 -30.81 -0.26
CA GLU B 171 11.16 -29.84 -1.10
C GLU B 171 10.67 -28.42 -0.80
N THR B 172 11.62 -27.48 -0.73
CA THR B 172 11.31 -26.09 -0.41
C THR B 172 11.99 -25.09 -1.36
N ALA B 173 13.17 -25.47 -1.86
CA ALA B 173 13.95 -24.58 -2.73
C ALA B 173 13.30 -24.35 -4.08
N GLY B 174 12.71 -25.40 -4.64
CA GLY B 174 11.98 -25.30 -5.90
C GLY B 174 10.59 -24.68 -5.78
N VAL B 175 9.95 -24.86 -4.63
CA VAL B 175 8.57 -24.41 -4.36
C VAL B 175 8.34 -22.88 -4.52
N VAL B 176 7.51 -22.53 -5.50
CA VAL B 176 7.13 -21.16 -5.84
C VAL B 176 5.62 -21.07 -5.97
N SER B 177 4.99 -20.29 -5.10
CA SER B 177 3.54 -20.21 -5.09
C SER B 177 2.99 -18.93 -5.73
N THR B 178 1.71 -18.95 -6.09
CA THR B 178 1.03 -17.71 -6.45
C THR B 178 0.57 -17.10 -5.17
N PRO B 179 0.19 -15.81 -5.19
CA PRO B 179 -0.39 -15.36 -3.94
C PRO B 179 -1.72 -16.08 -3.75
N LEU B 180 -2.27 -16.09 -2.53
CA LEU B 180 -3.62 -16.63 -2.29
C LEU B 180 -4.63 -15.97 -3.24
N ILE B 181 -5.48 -16.78 -3.89
CA ILE B 181 -6.49 -16.21 -4.79
C ILE B 181 -7.92 -16.22 -4.22
N ARG B 182 -8.43 -15.01 -4.02
CA ARG B 182 -9.75 -14.75 -3.50
C ARG B 182 -10.70 -14.78 -4.66
N ASN B 183 -11.65 -15.72 -4.64
CA ASN B 183 -12.56 -15.89 -5.78
C ASN B 183 -13.69 -14.85 -5.72
N GLY B 184 -14.09 -14.62 -4.45
CA GLY B 184 -15.11 -13.65 -4.10
C GLY B 184 -16.48 -14.23 -4.38
N ASP B 185 -16.54 -15.56 -4.49
CA ASP B 185 -17.77 -16.30 -4.26
C ASP B 185 -17.62 -17.09 -2.93
N TRP B 186 -17.09 -16.41 -1.92
CA TRP B 186 -16.76 -17.05 -0.67
C TRP B 186 -15.83 -18.27 -0.73
N THR B 187 -15.16 -18.48 -1.86
CA THR B 187 -14.19 -19.58 -1.97
C THR B 187 -12.82 -19.08 -2.42
N PHE B 188 -11.74 -19.69 -1.90
CA PHE B 188 -10.38 -19.37 -2.38
C PHE B 188 -9.73 -20.46 -3.19
N GLN B 189 -8.71 -20.09 -3.97
CA GLN B 189 -7.74 -21.07 -4.48
C GLN B 189 -6.28 -20.62 -4.32
N ILE B 190 -5.36 -21.56 -4.54
CA ILE B 190 -3.92 -21.28 -4.56
C ILE B 190 -3.29 -22.23 -5.60
N LEU B 191 -2.28 -21.75 -6.32
CA LEU B 191 -1.45 -22.65 -7.12
C LEU B 191 -0.05 -22.66 -6.54
N VAL B 192 0.58 -23.83 -6.55
CA VAL B 192 1.86 -24.05 -5.86
C VAL B 192 2.80 -24.84 -6.77
N MET B 193 3.68 -24.15 -7.48
CA MET B 193 4.54 -24.86 -8.44
C MET B 193 5.80 -25.48 -7.85
N LEU B 194 6.23 -26.59 -8.46
CA LEU B 194 7.48 -27.28 -8.13
C LEU B 194 8.35 -27.54 -9.35
N GLU B 195 9.62 -27.24 -9.19
CA GLU B 195 10.62 -27.52 -10.21
C GLU B 195 11.14 -28.93 -10.06
N MET B 196 11.12 -29.67 -11.17
CA MET B 196 11.68 -31.03 -11.16
C MET B 196 12.27 -31.46 -12.50
N THR B 197 13.59 -31.66 -12.53
CA THR B 197 14.17 -32.35 -13.68
C THR B 197 13.86 -33.83 -13.48
N PRO B 198 13.00 -34.39 -14.35
CA PRO B 198 12.41 -35.71 -14.08
C PRO B 198 13.32 -36.90 -14.41
N GLN B 199 12.85 -38.11 -14.07
CA GLN B 199 13.51 -39.40 -14.30
C GLN B 199 12.53 -40.45 -13.82
N ARG B 200 12.72 -41.71 -14.23
CA ARG B 200 11.83 -42.80 -13.77
C ARG B 200 12.03 -43.09 -12.26
N GLY B 201 11.03 -43.75 -11.66
CA GLY B 201 11.05 -44.06 -10.24
C GLY B 201 10.47 -42.95 -9.39
N ASP B 202 11.16 -41.80 -9.37
CA ASP B 202 10.75 -40.55 -8.68
C ASP B 202 9.25 -40.40 -8.47
N VAL B 203 8.85 -40.18 -7.22
CA VAL B 203 7.43 -39.92 -6.88
C VAL B 203 7.23 -38.61 -6.08
N TYR B 204 6.47 -37.71 -6.70
CA TYR B 204 6.21 -36.37 -6.18
C TYR B 204 4.84 -36.31 -5.53
N THR B 205 4.75 -35.65 -4.38
CA THR B 205 3.52 -35.61 -3.61
C THR B 205 3.19 -34.26 -2.94
N CYS B 206 2.00 -33.73 -3.25
CA CYS B 206 1.47 -32.47 -2.73
C CYS B 206 0.67 -32.72 -1.45
N HIS B 207 1.03 -32.02 -0.37
CA HIS B 207 0.50 -32.26 0.97
C HIS B 207 -0.23 -31.03 1.50
N VAL B 208 -1.56 -31.14 1.62
CA VAL B 208 -2.42 -29.98 1.90
C VAL B 208 -3.22 -30.11 3.21
N GLU B 209 -3.01 -29.18 4.14
CA GLU B 209 -3.72 -29.14 5.43
C GLU B 209 -4.59 -27.89 5.47
N HIS B 210 -5.77 -28.01 6.06
CA HIS B 210 -6.78 -26.93 6.01
C HIS B 210 -7.89 -27.25 7.00
N PRO B 211 -8.44 -26.23 7.68
CA PRO B 211 -9.37 -26.47 8.79
C PRO B 211 -10.57 -27.38 8.46
N SER B 212 -11.02 -27.36 7.21
CA SER B 212 -12.15 -28.18 6.77
C SER B 212 -11.92 -29.66 7.02
N LEU B 213 -10.64 -30.03 7.18
CA LEU B 213 -10.20 -31.43 7.15
C LEU B 213 -9.84 -32.06 8.51
N GLN B 214 -10.35 -33.28 8.72
CA GLN B 214 -9.95 -34.13 9.86
C GLN B 214 -8.49 -34.59 9.70
N SER B 215 -8.13 -35.10 8.52
CA SER B 215 -6.75 -35.48 8.16
C SER B 215 -6.32 -34.92 6.81
N PRO B 216 -5.03 -34.49 6.69
CA PRO B 216 -4.43 -33.91 5.48
C PRO B 216 -4.71 -34.68 4.18
N ILE B 217 -4.76 -33.97 3.07
CA ILE B 217 -4.87 -34.59 1.75
C ILE B 217 -3.49 -34.65 1.13
N THR B 218 -3.22 -35.74 0.41
CA THR B 218 -1.99 -35.91 -0.37
C THR B 218 -2.37 -36.38 -1.76
N VAL B 219 -1.64 -35.91 -2.76
CA VAL B 219 -1.83 -36.40 -4.11
C VAL B 219 -0.46 -36.66 -4.70
N GLU B 220 -0.31 -37.81 -5.32
CA GLU B 220 0.97 -38.18 -5.91
C GLU B 220 0.95 -38.00 -7.42
N TRP B 221 2.13 -37.75 -7.99
CA TRP B 221 2.30 -37.75 -9.44
C TRP B 221 3.48 -38.63 -9.85
N ARG B 222 3.19 -39.58 -10.75
CA ARG B 222 4.13 -40.59 -11.21
C ARG B 222 4.80 -40.23 -12.55
N ALA B 223 6.13 -40.12 -12.54
CA ALA B 223 6.91 -39.90 -13.76
C ALA B 223 7.20 -41.22 -14.50
N ASP C 2 5.51 -3.70 5.59
CA ASP C 2 4.64 -4.27 6.68
C ASP C 2 5.37 -5.23 7.64
N ILE C 3 6.70 -5.10 7.75
CA ILE C 3 7.43 -5.87 8.75
C ILE C 3 7.43 -5.13 10.08
N VAL C 4 7.55 -3.80 10.00
CA VAL C 4 7.56 -2.91 11.19
C VAL C 4 8.56 -3.35 12.29
N ALA C 5 9.64 -2.58 12.33
CA ALA C 5 10.78 -2.82 13.17
C ALA C 5 11.06 -1.48 13.80
N ASP C 6 11.91 -1.47 14.83
CA ASP C 6 12.32 -0.23 15.45
C ASP C 6 13.02 0.70 14.46
N HIS C 7 13.82 0.12 13.58
CA HIS C 7 14.48 0.87 12.51
C HIS C 7 14.59 0.00 11.29
N VAL C 8 14.86 0.62 10.16
CA VAL C 8 14.98 -0.12 8.89
C VAL C 8 16.11 0.48 8.11
N ALA C 9 17.06 -0.36 7.70
CA ALA C 9 18.11 0.11 6.79
C ALA C 9 18.08 -0.61 5.46
N SER C 10 18.56 0.08 4.43
CA SER C 10 18.75 -0.50 3.12
C SER C 10 20.24 -0.53 2.80
N TYR C 11 20.94 -1.54 3.29
CA TYR C 11 22.40 -1.62 3.12
C TYR C 11 22.75 -2.18 1.76
N GLY C 12 22.65 -1.27 0.81
CA GLY C 12 22.74 -1.60 -0.58
C GLY C 12 21.34 -1.45 -1.09
N VAL C 13 21.02 -0.25 -1.54
CA VAL C 13 19.98 -0.05 -2.53
C VAL C 13 20.70 -0.03 -3.88
N ASN C 14 20.57 -1.12 -4.64
CA ASN C 14 21.21 -1.20 -5.96
C ASN C 14 20.21 -1.05 -7.09
N LEU C 15 20.58 -0.27 -8.10
CA LEU C 15 19.70 -0.10 -9.24
C LEU C 15 20.46 0.02 -10.53
N TYR C 16 20.21 -0.91 -11.45
CA TYR C 16 20.65 -0.75 -12.84
C TYR C 16 19.43 -0.87 -13.72
N GLN C 17 19.21 0.15 -14.52
CA GLN C 17 18.11 0.10 -15.50
C GLN C 17 18.58 0.27 -16.95
N SER C 18 17.87 -0.42 -17.84
CA SER C 18 18.19 -0.53 -19.28
C SER C 18 18.48 0.79 -19.97
N TYR C 19 17.51 1.71 -19.94
CA TYR C 19 17.66 3.06 -20.54
C TYR C 19 18.81 3.81 -19.87
N GLY C 20 19.63 4.44 -20.72
CA GLY C 20 20.92 4.97 -20.35
C GLY C 20 22.00 4.21 -21.13
N PRO C 21 22.47 3.07 -20.58
CA PRO C 21 22.09 2.48 -19.30
C PRO C 21 22.52 3.37 -18.14
N SER C 22 22.05 3.08 -16.93
CA SER C 22 22.27 3.99 -15.80
C SER C 22 22.04 3.36 -14.43
N GLY C 23 23.13 3.21 -13.68
CA GLY C 23 23.09 2.61 -12.34
C GLY C 23 22.91 3.62 -11.22
N GLN C 24 22.77 3.11 -10.00
CA GLN C 24 22.68 3.94 -8.81
C GLN C 24 22.90 3.04 -7.61
N TYR C 25 23.94 3.31 -6.84
CA TYR C 25 24.15 2.65 -5.54
C TYR C 25 23.98 3.67 -4.43
N SER C 26 23.33 3.29 -3.33
CA SER C 26 23.28 4.13 -2.13
C SER C 26 22.90 3.34 -0.90
N HIS C 27 23.09 3.94 0.26
CA HIS C 27 22.65 3.35 1.50
C HIS C 27 21.58 4.21 2.13
N GLU C 28 20.63 3.59 2.81
CA GLU C 28 19.52 4.31 3.45
C GLU C 28 19.32 3.93 4.91
N PHE C 29 18.80 4.86 5.70
CA PHE C 29 18.46 4.58 7.11
C PHE C 29 17.17 5.28 7.57
N ASP C 30 16.18 4.47 7.95
CA ASP C 30 14.83 4.96 8.18
C ASP C 30 14.44 6.00 7.14
N GLY C 31 14.67 5.68 5.87
CA GLY C 31 14.20 6.47 4.72
C GLY C 31 14.98 7.74 4.50
N ASP C 32 16.26 7.72 4.88
CA ASP C 32 17.13 8.84 4.62
C ASP C 32 18.46 8.37 4.01
N GLU C 33 18.79 8.94 2.87
CA GLU C 33 20.06 8.64 2.24
C GLU C 33 21.19 8.90 3.24
N GLU C 34 22.03 7.88 3.47
CA GLU C 34 23.29 8.03 4.22
C GLU C 34 24.42 8.47 3.30
N PHE C 35 24.49 7.90 2.10
CA PHE C 35 25.50 8.28 1.13
C PHE C 35 25.16 7.68 -0.23
N TYR C 36 25.81 8.16 -1.29
CA TYR C 36 25.73 7.44 -2.54
C TYR C 36 27.11 7.13 -3.03
N VAL C 37 27.20 6.63 -4.26
CA VAL C 37 28.47 6.34 -4.90
C VAL C 37 28.34 6.80 -6.33
N ASP C 38 29.07 7.86 -6.69
CA ASP C 38 29.10 8.30 -8.09
C ASP C 38 29.73 7.21 -8.93
N LEU C 39 29.16 6.98 -10.11
CA LEU C 39 29.57 5.84 -10.90
C LEU C 39 30.66 6.06 -11.96
N GLU C 40 30.90 7.31 -12.37
CA GLU C 40 31.99 7.62 -13.31
C GLU C 40 33.08 8.45 -12.65
N ARG C 41 32.81 8.87 -11.42
CA ARG C 41 33.83 9.50 -10.59
C ARG C 41 34.44 8.45 -9.67
N LYS C 42 33.86 7.24 -9.70
CA LYS C 42 34.31 6.09 -8.90
C LYS C 42 34.69 6.46 -7.45
N GLU C 43 33.85 7.26 -6.81
CA GLU C 43 34.04 7.68 -5.42
C GLU C 43 32.73 7.93 -4.67
N THR C 44 32.78 7.71 -3.36
CA THR C 44 31.64 7.83 -2.45
C THR C 44 31.39 9.29 -2.06
N VAL C 45 30.12 9.68 -1.95
CA VAL C 45 29.75 11.04 -1.49
C VAL C 45 28.76 10.94 -0.34
N TRP C 46 29.14 11.47 0.83
CA TRP C 46 28.24 11.45 2.01
C TRP C 46 27.20 12.54 1.95
N GLN C 47 26.05 12.30 2.58
CA GLN C 47 24.93 13.24 2.58
C GLN C 47 24.77 13.92 3.95
N LEU C 48 25.62 13.54 4.90
CA LEU C 48 25.66 14.27 6.15
C LEU C 48 27.10 14.47 6.65
N PRO C 49 27.50 15.73 6.91
CA PRO C 49 28.77 16.05 7.58
C PRO C 49 29.16 15.01 8.61
N LEU C 50 28.18 14.50 9.35
CA LEU C 50 28.38 13.52 10.41
C LEU C 50 29.16 12.26 10.01
N PHE C 51 28.90 11.75 8.81
CA PHE C 51 29.58 10.53 8.32
C PHE C 51 31.00 10.80 7.77
N ARG C 52 31.19 11.95 7.11
CA ARG C 52 32.47 12.38 6.54
C ARG C 52 33.61 12.22 7.54
N ARG C 53 33.24 12.11 8.80
CA ARG C 53 34.16 11.86 9.89
C ARG C 53 34.29 10.35 10.07
N PHE C 54 33.73 9.88 11.19
CA PHE C 54 33.89 8.52 11.73
C PHE C 54 34.02 7.31 10.75
N ARG C 55 34.08 7.53 9.43
CA ARG C 55 33.75 6.44 8.48
C ARG C 55 34.53 6.40 7.15
N ARG C 56 34.47 5.26 6.47
CA ARG C 56 34.50 5.22 4.98
C ARG C 56 33.78 4.01 4.30
N PHE C 57 33.64 4.08 2.97
CA PHE C 57 33.04 3.02 2.15
C PHE C 57 33.76 2.87 0.79
N ASP C 58 33.77 1.65 0.25
CA ASP C 58 34.57 1.32 -0.95
C ASP C 58 33.81 1.36 -2.28
N PRO C 59 34.03 2.43 -3.08
CA PRO C 59 33.52 2.56 -4.45
C PRO C 59 33.63 1.31 -5.31
N GLN C 60 34.60 0.44 -4.99
CA GLN C 60 34.80 -0.79 -5.74
C GLN C 60 33.64 -1.77 -5.56
N PHE C 61 33.26 -1.98 -4.29
CA PHE C 61 32.22 -2.92 -3.90
C PHE C 61 30.92 -2.70 -4.67
N ALA C 62 30.59 -1.42 -4.83
CA ALA C 62 29.38 -0.98 -5.51
C ALA C 62 29.47 -1.23 -7.00
N LEU C 63 30.56 -0.81 -7.63
CA LEU C 63 30.77 -1.04 -9.05
C LEU C 63 30.75 -2.52 -9.41
N THR C 64 31.19 -3.37 -8.47
CA THR C 64 31.06 -4.81 -8.62
C THR C 64 29.59 -5.24 -8.71
N ASN C 65 28.78 -4.79 -7.75
CA ASN C 65 27.35 -5.10 -7.72
C ASN C 65 26.60 -4.63 -8.93
N ILE C 66 26.82 -3.37 -9.31
CA ILE C 66 26.19 -2.81 -10.49
C ILE C 66 26.59 -3.61 -11.76
N ALA C 67 27.87 -3.94 -11.90
CA ALA C 67 28.31 -4.77 -13.02
C ALA C 67 27.53 -6.09 -13.11
N VAL C 68 27.36 -6.77 -11.97
CA VAL C 68 26.56 -7.99 -11.85
C VAL C 68 25.10 -7.78 -12.23
N LEU C 69 24.59 -6.58 -12.01
CA LEU C 69 23.21 -6.29 -12.31
C LEU C 69 22.97 -6.16 -13.78
N LYS C 70 23.90 -5.52 -14.49
CA LYS C 70 23.94 -5.56 -15.94
C LYS C 70 23.77 -7.02 -16.39
N HIS C 71 24.69 -7.88 -15.95
CA HIS C 71 24.62 -9.35 -16.14
C HIS C 71 23.23 -9.89 -15.73
N ASN C 72 22.94 -9.88 -14.43
CA ASN C 72 21.68 -10.43 -13.88
C ASN C 72 20.40 -9.92 -14.50
N LEU C 73 20.38 -8.67 -14.94
CA LEU C 73 19.24 -8.14 -15.66
C LEU C 73 19.11 -8.85 -17.00
N ASN C 74 20.14 -8.72 -17.85
CA ASN C 74 20.17 -9.28 -19.20
C ASN C 74 19.63 -10.70 -19.29
N ILE C 75 19.95 -11.49 -18.27
CA ILE C 75 19.38 -12.83 -18.14
C ILE C 75 17.85 -12.74 -18.02
N VAL C 76 17.35 -11.84 -17.17
CA VAL C 76 15.91 -11.85 -16.90
C VAL C 76 15.11 -11.25 -18.06
N ILE C 77 15.60 -10.20 -18.69
CA ILE C 77 14.94 -9.65 -19.87
C ILE C 77 14.62 -10.77 -20.89
N LYS C 78 15.62 -11.59 -21.20
CA LYS C 78 15.44 -12.77 -22.03
C LYS C 78 14.40 -13.69 -21.39
N ARG C 79 14.70 -14.17 -20.19
CA ARG C 79 13.83 -15.05 -19.39
C ARG C 79 12.36 -14.60 -19.33
N SER C 80 12.10 -13.31 -19.55
CA SER C 80 10.74 -12.73 -19.39
C SER C 80 10.07 -12.33 -20.71
N ASN C 81 10.35 -13.06 -21.79
CA ASN C 81 9.98 -12.66 -23.15
C ASN C 81 10.55 -11.27 -23.50
N SER C 82 10.10 -10.27 -22.75
CA SER C 82 10.52 -8.86 -22.85
C SER C 82 9.57 -8.02 -22.02
N THR C 83 9.19 -8.52 -20.85
CA THR C 83 8.30 -7.78 -19.96
C THR C 83 9.01 -6.50 -19.46
N ALA C 84 8.47 -5.35 -19.86
CA ALA C 84 9.08 -4.04 -19.59
C ALA C 84 8.40 -3.31 -18.43
N ALA C 85 9.06 -2.27 -17.92
CA ALA C 85 8.46 -1.44 -16.86
C ALA C 85 7.28 -0.60 -17.38
N THR C 86 6.30 -0.40 -16.51
CA THR C 86 5.11 0.35 -16.85
C THR C 86 5.20 1.68 -16.12
N ASN C 87 5.31 2.75 -16.90
CA ASN C 87 5.44 4.11 -16.38
C ASN C 87 4.29 4.51 -15.47
N GLU C 88 4.58 4.73 -14.19
CA GLU C 88 3.60 5.26 -13.24
C GLU C 88 3.60 6.79 -13.24
N VAL C 89 2.44 7.36 -12.95
CA VAL C 89 2.28 8.80 -12.84
C VAL C 89 2.84 9.35 -11.49
N PRO C 90 3.84 10.24 -11.57
CA PRO C 90 4.49 10.90 -10.43
C PRO C 90 3.53 11.81 -9.68
N GLU C 91 3.66 11.86 -8.36
CA GLU C 91 2.79 12.70 -7.55
C GLU C 91 3.55 13.88 -6.90
N VAL C 92 3.53 15.03 -7.59
CA VAL C 92 4.31 16.22 -7.22
C VAL C 92 3.71 17.00 -6.07
N THR C 93 4.58 17.49 -5.19
CA THR C 93 4.19 18.30 -4.03
C THR C 93 5.30 19.30 -3.68
N VAL C 94 4.93 20.58 -3.56
CA VAL C 94 5.87 21.64 -3.20
C VAL C 94 5.51 22.32 -1.88
N PHE C 95 6.49 22.43 -1.01
CA PHE C 95 6.36 23.09 0.29
C PHE C 95 7.71 23.69 0.72
N SER C 96 7.67 24.70 1.57
CA SER C 96 8.88 25.31 2.10
C SER C 96 9.39 24.49 3.29
N LYS C 97 10.65 24.72 3.65
CA LYS C 97 11.35 23.95 4.69
C LYS C 97 10.98 24.45 6.10
N SER C 98 10.62 25.73 6.16
CA SER C 98 10.27 26.43 7.42
C SER C 98 9.24 27.55 7.16
N PRO C 99 8.52 28.01 8.22
CA PRO C 99 7.52 29.05 8.02
C PRO C 99 8.09 30.31 7.36
N VAL C 100 7.40 30.79 6.34
CA VAL C 100 7.86 31.94 5.55
C VAL C 100 7.66 33.30 6.25
N THR C 101 8.70 34.12 6.23
CA THR C 101 8.56 35.56 6.44
C THR C 101 9.35 36.22 5.31
N LEU C 102 8.78 37.23 4.67
CA LEU C 102 9.41 37.89 3.52
C LEU C 102 10.84 38.31 3.83
N GLY C 103 11.76 37.99 2.92
CA GLY C 103 13.15 38.44 3.02
C GLY C 103 14.09 37.48 3.75
N GLN C 104 13.52 36.67 4.64
CA GLN C 104 14.24 35.68 5.42
C GLN C 104 14.54 34.44 4.58
N PRO C 105 15.82 34.07 4.44
CA PRO C 105 16.21 32.95 3.58
C PRO C 105 15.50 31.66 3.97
N ASN C 106 15.03 30.93 2.96
CA ASN C 106 14.30 29.68 3.14
C ASN C 106 14.74 28.69 2.06
N THR C 107 13.97 27.61 1.89
CA THR C 107 14.24 26.59 0.89
C THR C 107 12.92 25.98 0.44
N LEU C 108 12.70 25.98 -0.87
CA LEU C 108 11.53 25.33 -1.45
C LEU C 108 11.80 23.86 -1.69
N ILE C 109 10.83 23.02 -1.34
CA ILE C 109 11.02 21.58 -1.43
C ILE C 109 10.03 20.95 -2.40
N CYS C 110 10.56 20.35 -3.46
CA CYS C 110 9.76 19.59 -4.37
C CYS C 110 9.89 18.13 -3.99
N LEU C 111 8.76 17.43 -3.88
CA LEU C 111 8.76 16.01 -3.54
C LEU C 111 8.08 15.21 -4.62
N VAL C 112 8.87 14.67 -5.55
CA VAL C 112 8.34 13.83 -6.61
C VAL C 112 8.34 12.40 -6.09
N ASP C 113 7.14 11.85 -5.94
CA ASP C 113 6.93 10.58 -5.26
C ASP C 113 6.41 9.61 -6.31
N ASN C 114 6.62 8.31 -6.09
CA ASN C 114 6.00 7.26 -6.90
C ASN C 114 6.53 7.33 -8.33
N ILE C 115 7.85 7.41 -8.41
CA ILE C 115 8.53 7.49 -9.68
C ILE C 115 8.94 6.09 -10.11
N PHE C 116 8.24 5.55 -11.08
CA PHE C 116 8.77 4.39 -11.78
C PHE C 116 8.51 4.52 -13.27
N PRO C 117 9.50 4.17 -14.10
CA PRO C 117 10.86 3.84 -13.71
C PRO C 117 11.54 5.07 -13.11
N PRO C 118 12.81 4.93 -12.72
CA PRO C 118 13.55 6.14 -12.39
C PRO C 118 14.34 6.79 -13.57
N VAL C 119 13.63 7.34 -14.55
CA VAL C 119 14.20 8.40 -15.37
C VAL C 119 13.32 9.62 -15.08
N VAL C 120 13.96 10.76 -14.75
CA VAL C 120 13.21 11.95 -14.35
C VAL C 120 14.04 13.22 -14.55
N ASN C 121 13.35 14.31 -14.91
CA ASN C 121 13.93 15.66 -14.92
C ASN C 121 13.17 16.55 -13.91
N ILE C 122 13.79 16.88 -12.78
CA ILE C 122 13.20 17.88 -11.89
C ILE C 122 14.00 19.19 -11.93
N THR C 123 13.34 20.27 -12.33
CA THR C 123 13.95 21.61 -12.38
C THR C 123 13.00 22.66 -11.79
N TRP C 124 13.53 23.86 -11.51
CA TRP C 124 12.75 24.96 -10.92
C TRP C 124 12.63 26.23 -11.79
N LEU C 125 11.48 26.91 -11.70
CA LEU C 125 11.25 28.16 -12.42
C LEU C 125 10.76 29.30 -11.52
N SER C 126 11.52 30.40 -11.52
CA SER C 126 11.08 31.68 -10.92
C SER C 126 10.45 32.55 -12.00
N ASN C 127 9.12 32.63 -12.00
CA ASN C 127 8.37 33.34 -13.03
C ASN C 127 8.72 32.79 -14.43
N GLY C 128 8.38 31.53 -14.65
CA GLY C 128 8.56 30.88 -15.94
C GLY C 128 9.96 30.79 -16.52
N HIS C 129 10.99 31.18 -15.77
CA HIS C 129 12.38 31.04 -16.21
C HIS C 129 13.18 30.07 -15.35
N SER C 130 13.95 29.20 -16.00
CA SER C 130 14.72 28.18 -15.29
C SER C 130 15.82 28.80 -14.42
N VAL C 131 15.58 28.73 -13.11
CA VAL C 131 16.57 29.12 -12.11
C VAL C 131 17.67 28.07 -12.13
N THR C 132 18.90 28.53 -12.17
CA THR C 132 20.04 27.64 -12.26
C THR C 132 20.60 27.43 -10.85
N GLU C 133 20.95 28.52 -10.18
CA GLU C 133 21.58 28.47 -8.86
C GLU C 133 20.61 28.06 -7.78
N GLY C 134 21.12 27.41 -6.73
CA GLY C 134 20.30 27.04 -5.57
C GLY C 134 19.74 25.64 -5.66
N VAL C 135 19.65 25.15 -6.89
CA VAL C 135 19.24 23.77 -7.17
C VAL C 135 20.10 22.76 -6.43
N SER C 136 19.48 21.67 -6.00
CA SER C 136 20.16 20.47 -5.55
C SER C 136 19.08 19.44 -5.38
N GLU C 137 19.37 18.18 -5.66
CA GLU C 137 18.37 17.15 -5.48
C GLU C 137 18.94 15.94 -4.74
N THR C 138 18.07 15.08 -4.26
CA THR C 138 18.47 13.85 -3.60
C THR C 138 18.62 12.80 -4.69
N SER C 139 19.19 11.65 -4.35
CA SER C 139 19.22 10.52 -5.28
C SER C 139 17.81 9.93 -5.30
N PHE C 140 17.63 8.75 -5.90
CA PHE C 140 16.33 8.10 -5.81
C PHE C 140 16.24 7.38 -4.46
N LEU C 141 15.12 7.57 -3.78
CA LEU C 141 14.96 7.06 -2.42
C LEU C 141 13.95 5.91 -2.41
N SER C 142 14.40 4.72 -2.02
CA SER C 142 13.60 3.53 -2.19
C SER C 142 12.39 3.52 -1.26
N LYS C 143 11.24 3.21 -1.85
CA LYS C 143 10.04 2.89 -1.10
C LYS C 143 9.63 1.45 -1.35
N SER C 144 9.00 0.83 -0.35
CA SER C 144 8.79 -0.62 -0.29
C SER C 144 8.00 -1.27 -1.44
N ASP C 145 7.27 -0.46 -2.21
CA ASP C 145 6.63 -0.96 -3.43
C ASP C 145 7.55 -0.81 -4.64
N HIS C 146 8.85 -0.84 -4.35
CA HIS C 146 9.89 -0.90 -5.34
C HIS C 146 9.68 0.23 -6.35
N SER C 147 9.02 1.29 -5.89
CA SER C 147 8.97 2.56 -6.59
C SER C 147 9.93 3.54 -5.89
N PHE C 148 9.90 4.80 -6.32
CA PHE C 148 10.91 5.76 -5.89
C PHE C 148 10.39 7.15 -5.58
N PHE C 149 11.14 7.87 -4.74
CA PHE C 149 11.03 9.30 -4.69
C PHE C 149 12.36 10.05 -4.81
N LYS C 150 12.25 11.27 -5.31
CA LYS C 150 13.38 12.16 -5.57
C LYS C 150 12.94 13.50 -4.99
N ILE C 151 13.86 14.24 -4.40
CA ILE C 151 13.52 15.49 -3.78
C ILE C 151 14.44 16.59 -4.29
N SER C 152 13.86 17.70 -4.74
CA SER C 152 14.65 18.82 -5.21
C SER C 152 14.47 20.01 -4.29
N TYR C 153 15.57 20.68 -4.00
CA TYR C 153 15.58 21.79 -3.09
C TYR C 153 15.98 23.07 -3.79
N LEU C 154 15.30 24.17 -3.43
CA LEU C 154 15.66 25.49 -3.92
C LEU C 154 15.83 26.48 -2.80
N THR C 155 17.08 26.85 -2.54
CA THR C 155 17.38 27.92 -1.62
C THR C 155 17.04 29.23 -2.30
N PHE C 156 16.23 30.04 -1.63
CA PHE C 156 15.70 31.23 -2.25
C PHE C 156 15.34 32.27 -1.19
N LEU C 157 15.23 33.51 -1.66
CA LEU C 157 14.83 34.63 -0.82
C LEU C 157 13.39 35.00 -1.17
N PRO C 158 12.48 34.91 -0.18
CA PRO C 158 11.05 35.18 -0.34
C PRO C 158 10.72 36.68 -0.47
N SER C 159 10.06 37.03 -1.56
CA SER C 159 9.52 38.37 -1.77
C SER C 159 8.16 38.20 -2.41
N ALA C 160 7.34 39.26 -2.41
CA ALA C 160 6.08 39.25 -3.17
C ALA C 160 6.39 39.53 -4.65
N ASP C 161 7.68 39.79 -4.91
CA ASP C 161 8.21 40.05 -6.23
C ASP C 161 8.45 38.77 -7.03
N GLU C 162 8.35 37.62 -6.36
CA GLU C 162 8.64 36.32 -6.99
C GLU C 162 7.71 35.16 -6.59
N ILE C 163 7.31 34.37 -7.59
CA ILE C 163 6.56 33.12 -7.40
C ILE C 163 7.17 31.98 -8.23
N TYR C 164 7.06 30.75 -7.72
CA TYR C 164 7.82 29.62 -8.26
C TYR C 164 7.00 28.45 -8.77
N ASP C 165 7.71 27.57 -9.47
CA ASP C 165 7.14 26.37 -10.06
C ASP C 165 8.15 25.22 -10.04
N CYS C 166 7.65 24.00 -10.07
CA CYS C 166 8.48 22.80 -10.13
C CYS C 166 8.18 22.05 -11.44
N LYS C 167 9.22 21.85 -12.27
CA LYS C 167 9.02 21.21 -13.57
C LYS C 167 9.46 19.75 -13.60
N VAL C 168 8.50 18.84 -13.45
CA VAL C 168 8.78 17.41 -13.33
C VAL C 168 8.51 16.68 -14.64
N GLU C 169 9.59 16.35 -15.34
CA GLU C 169 9.51 15.72 -16.65
C GLU C 169 9.62 14.21 -16.51
N HIS C 170 8.51 13.52 -16.79
CA HIS C 170 8.41 12.06 -16.67
C HIS C 170 7.59 11.46 -17.81
N TRP C 171 7.81 10.16 -18.05
CA TRP C 171 7.10 9.46 -19.11
C TRP C 171 5.68 9.13 -18.69
N GLY C 172 5.45 9.06 -17.38
CA GLY C 172 4.13 8.80 -16.79
C GLY C 172 3.13 9.93 -17.00
N LEU C 173 3.64 11.14 -17.17
CA LEU C 173 2.83 12.29 -17.53
C LEU C 173 2.87 12.49 -19.05
N ASP C 174 1.81 13.06 -19.60
CA ASP C 174 1.79 13.46 -21.02
C ASP C 174 2.64 14.70 -21.24
N GLU C 175 2.26 15.78 -20.55
CA GLU C 175 3.02 17.03 -20.56
C GLU C 175 3.74 17.26 -19.22
N PRO C 176 4.82 18.06 -19.22
CA PRO C 176 5.53 18.30 -17.97
C PRO C 176 4.60 18.88 -16.92
N LEU C 177 4.63 18.34 -15.72
CA LEU C 177 3.76 18.81 -14.64
C LEU C 177 4.41 20.00 -13.97
N LEU C 178 3.72 21.15 -14.02
CA LEU C 178 4.18 22.34 -13.30
C LEU C 178 3.40 22.56 -12.01
N LYS C 179 4.06 22.34 -10.87
CA LYS C 179 3.43 22.49 -9.55
C LYS C 179 3.89 23.79 -8.88
N HIS C 180 2.91 24.59 -8.44
CA HIS C 180 3.12 26.02 -8.14
C HIS C 180 3.30 26.34 -6.66
N TRP C 181 4.09 27.39 -6.38
CA TRP C 181 4.30 27.90 -5.00
C TRP C 181 4.39 29.42 -4.88
N GLU C 182 3.53 29.98 -4.02
CA GLU C 182 3.46 31.43 -3.77
C GLU C 182 3.74 31.77 -2.28
N PRO C 183 4.46 32.87 -2.02
CA PRO C 183 4.56 33.39 -0.66
C PRO C 183 3.23 33.99 -0.26
N GLU C 184 3.00 34.18 1.03
CA GLU C 184 1.71 34.72 1.50
C GLU C 184 1.67 36.25 1.71
N PRO D 5 34.68 -1.83 13.20
CA PRO D 5 34.03 -0.60 13.63
C PRO D 5 34.52 0.62 12.83
N GLN D 6 35.11 0.35 11.66
CA GLN D 6 35.65 1.42 10.82
C GLN D 6 34.81 1.72 9.57
N PRO D 7 34.44 0.68 8.80
CA PRO D 7 33.63 0.95 7.60
C PRO D 7 32.20 0.36 7.63
N GLU D 8 31.33 0.92 6.79
CA GLU D 8 30.02 0.35 6.52
C GLU D 8 30.25 -0.84 5.57
N GLN D 9 29.76 -2.03 5.92
CA GLN D 9 29.75 -3.14 4.97
C GLN D 9 28.32 -3.47 4.50
N PRO D 10 28.16 -3.88 3.22
CA PRO D 10 26.85 -4.19 2.65
C PRO D 10 26.68 -5.60 2.11
N GLU D 11 25.65 -5.79 1.29
CA GLU D 11 25.30 -7.10 0.77
C GLU D 11 25.55 -7.19 -0.73
N GLN D 12 25.84 -8.41 -1.18
CA GLN D 12 26.12 -8.69 -2.60
C GLN D 12 25.02 -9.50 -3.26
N PRO D 13 24.76 -9.24 -4.55
CA PRO D 13 23.92 -10.13 -5.36
C PRO D 13 24.78 -10.95 -6.33
N PHE D 14 24.68 -12.27 -6.25
CA PHE D 14 25.48 -13.17 -7.09
C PHE D 14 24.92 -13.30 -8.52
N PRO D 15 25.79 -13.61 -9.52
CA PRO D 15 25.25 -13.81 -10.88
C PRO D 15 24.44 -15.10 -11.00
N GLN D 16 23.50 -15.11 -11.95
CA GLN D 16 22.77 -16.33 -12.30
C GLN D 16 22.49 -16.31 -13.80
N PRO D 17 22.90 -17.39 -14.51
CA PRO D 17 22.60 -17.48 -15.95
C PRO D 17 21.21 -18.05 -16.20
N SER D 36 7.41 7.80 -26.35
CA SER D 36 8.37 7.51 -25.24
C SER D 36 8.90 6.06 -25.32
N PRO D 37 10.18 5.85 -24.92
CA PRO D 37 10.76 4.52 -25.04
C PRO D 37 10.52 3.66 -23.81
N GLU D 38 11.18 2.50 -23.79
CA GLU D 38 10.92 1.46 -22.80
C GLU D 38 12.14 1.17 -21.93
N ASP D 39 11.90 0.95 -20.63
CA ASP D 39 12.99 0.60 -19.72
C ASP D 39 12.79 -0.75 -19.03
N PHE D 40 13.91 -1.41 -18.76
CA PHE D 40 13.95 -2.67 -18.07
C PHE D 40 14.79 -2.45 -16.85
N VAL D 41 14.12 -2.27 -15.72
CA VAL D 41 14.79 -1.89 -14.48
C VAL D 41 15.03 -3.10 -13.62
N TYR D 42 16.23 -3.16 -13.04
CA TYR D 42 16.58 -4.20 -12.07
C TYR D 42 16.98 -3.52 -10.76
N GLN D 43 16.35 -3.92 -9.66
CA GLN D 43 16.72 -3.40 -8.36
C GLN D 43 17.24 -4.54 -7.53
N PHE D 44 18.14 -4.25 -6.59
CA PHE D 44 18.46 -5.19 -5.50
C PHE D 44 18.59 -4.42 -4.20
N LYS D 45 17.71 -4.72 -3.27
CA LYS D 45 17.72 -4.07 -1.97
C LYS D 45 18.23 -5.08 -0.98
N GLY D 46 19.17 -4.66 -0.14
CA GLY D 46 19.63 -5.49 0.97
C GLY D 46 19.13 -5.00 2.31
N MET D 47 17.93 -5.39 2.69
CA MET D 47 17.27 -4.80 3.89
C MET D 47 17.78 -5.35 5.21
N CYS D 48 17.70 -4.55 6.26
CA CYS D 48 17.93 -5.03 7.63
C CYS D 48 16.81 -4.53 8.53
N TYR D 49 16.28 -5.39 9.39
CA TYR D 49 15.17 -4.99 10.25
C TYR D 49 15.50 -5.14 11.74
N PHE D 50 15.70 -4.02 12.42
CA PHE D 50 16.12 -4.01 13.82
C PHE D 50 14.96 -3.83 14.78
N THR D 51 15.01 -4.51 15.92
CA THR D 51 14.00 -4.30 16.94
C THR D 51 14.60 -4.51 18.31
N ASN D 52 14.20 -3.69 19.28
CA ASN D 52 14.78 -3.67 20.62
C ASN D 52 16.31 -3.87 20.59
N GLY D 53 17.04 -2.77 20.43
CA GLY D 53 18.48 -2.82 20.28
C GLY D 53 18.82 -3.65 19.07
N THR D 54 19.62 -4.69 19.31
CA THR D 54 19.95 -5.73 18.32
C THR D 54 19.53 -7.12 18.83
N GLU D 55 18.75 -7.14 19.91
CA GLU D 55 18.12 -8.35 20.47
C GLU D 55 17.30 -9.12 19.41
N ARG D 56 16.94 -8.45 18.31
CA ARG D 56 16.20 -9.08 17.24
C ARG D 56 16.51 -8.38 15.90
N VAL D 57 17.31 -9.04 15.07
CA VAL D 57 17.71 -8.47 13.79
C VAL D 57 17.25 -9.41 12.68
N ARG D 58 16.86 -8.86 11.55
CA ARG D 58 16.41 -9.68 10.42
C ARG D 58 16.85 -9.11 9.07
N LEU D 59 17.40 -9.99 8.23
CA LEU D 59 17.88 -9.58 6.95
C LEU D 59 16.91 -10.06 5.89
N VAL D 60 16.72 -9.23 4.87
CA VAL D 60 16.04 -9.65 3.67
C VAL D 60 16.76 -9.06 2.46
N SER D 61 17.24 -9.92 1.57
CA SER D 61 17.69 -9.45 0.26
C SER D 61 16.56 -9.59 -0.76
N ARG D 62 16.39 -8.59 -1.61
CA ARG D 62 15.29 -8.59 -2.58
C ARG D 62 15.73 -8.32 -4.00
N SER D 63 15.58 -9.29 -4.90
CA SER D 63 15.84 -9.05 -6.32
C SER D 63 14.54 -8.66 -7.03
N ILE D 64 14.51 -7.45 -7.56
CA ILE D 64 13.28 -6.86 -8.09
C ILE D 64 13.38 -6.62 -9.58
N TYR D 65 12.70 -7.44 -10.37
CA TYR D 65 12.63 -7.16 -11.79
C TYR D 65 11.46 -6.25 -12.09
N ASN D 66 11.77 -5.09 -12.65
CA ASN D 66 10.82 -3.98 -12.70
C ASN D 66 10.35 -3.65 -11.31
N ARG D 67 9.10 -4.01 -10.99
CA ARG D 67 8.53 -3.80 -9.64
C ARG D 67 8.21 -5.11 -8.96
N GLU D 68 8.49 -6.20 -9.67
CA GLU D 68 8.15 -7.52 -9.22
C GLU D 68 9.34 -8.10 -8.47
N GLU D 69 9.13 -8.39 -7.19
CA GLU D 69 10.14 -9.06 -6.38
C GLU D 69 10.16 -10.53 -6.79
N ILE D 70 11.30 -11.03 -7.26
CA ILE D 70 11.34 -12.37 -7.87
C ILE D 70 12.10 -13.43 -7.06
N VAL D 71 13.18 -13.02 -6.41
CA VAL D 71 13.90 -13.90 -5.50
C VAL D 71 14.17 -13.12 -4.26
N ARG D 72 14.16 -13.83 -3.15
CA ARG D 72 14.37 -13.24 -1.87
C ARG D 72 15.21 -14.18 -1.07
N PHE D 73 16.13 -13.61 -0.29
CA PHE D 73 16.72 -14.35 0.80
C PHE D 73 16.23 -13.77 2.14
N ASP D 74 15.65 -14.61 2.96
CA ASP D 74 15.15 -14.17 4.24
C ASP D 74 15.93 -14.81 5.35
N SER D 75 16.48 -14.01 6.26
CA SER D 75 17.24 -14.55 7.41
C SER D 75 16.39 -15.50 8.24
N ASP D 76 15.10 -15.27 8.27
CA ASP D 76 14.19 -16.10 9.04
C ASP D 76 13.90 -17.45 8.39
N VAL D 77 13.97 -17.47 7.05
CA VAL D 77 13.74 -18.67 6.24
C VAL D 77 15.01 -19.51 6.18
N GLY D 78 16.10 -18.87 5.79
CA GLY D 78 17.40 -19.51 5.80
C GLY D 78 17.96 -19.84 4.43
N GLU D 79 17.13 -19.70 3.40
CA GLU D 79 17.60 -20.00 2.06
C GLU D 79 16.99 -19.04 1.07
N PHE D 80 17.54 -19.01 -0.14
CA PHE D 80 16.92 -18.28 -1.24
C PHE D 80 15.62 -18.97 -1.57
N ARG D 81 14.61 -18.18 -1.94
CA ARG D 81 13.28 -18.69 -2.29
C ARG D 81 12.76 -17.81 -3.39
N ALA D 82 12.29 -18.39 -4.49
CA ALA D 82 11.68 -17.58 -5.52
C ALA D 82 10.37 -17.06 -4.95
N VAL D 83 10.07 -15.79 -5.18
CA VAL D 83 8.74 -15.29 -4.84
C VAL D 83 7.86 -15.43 -6.06
N THR D 84 8.43 -15.20 -7.26
CA THR D 84 7.76 -15.53 -8.52
C THR D 84 8.59 -16.41 -9.41
N LEU D 85 7.94 -16.91 -10.47
CA LEU D 85 8.56 -17.78 -11.46
C LEU D 85 9.89 -17.27 -11.99
N LEU D 86 9.97 -16.00 -12.36
CA LEU D 86 11.22 -15.51 -12.96
C LEU D 86 12.42 -15.84 -12.09
N GLY D 87 12.20 -15.81 -10.77
CA GLY D 87 13.26 -15.98 -9.79
C GLY D 87 13.48 -17.41 -9.33
N LEU D 88 12.99 -18.36 -10.11
CA LEU D 88 13.10 -19.78 -9.75
C LEU D 88 14.39 -20.44 -10.23
N PRO D 89 14.88 -20.11 -11.46
CA PRO D 89 16.22 -20.59 -11.79
C PRO D 89 17.28 -20.15 -10.77
N ALA D 90 17.36 -18.84 -10.51
CA ALA D 90 18.29 -18.28 -9.53
C ALA D 90 18.19 -18.97 -8.18
N ALA D 91 17.07 -18.79 -7.51
CA ALA D 91 16.87 -19.32 -6.15
C ALA D 91 17.37 -20.75 -6.01
N GLU D 92 17.15 -21.54 -7.07
CA GLU D 92 17.54 -22.94 -7.07
C GLU D 92 19.02 -23.12 -7.24
N TYR D 93 19.59 -22.43 -8.23
CA TYR D 93 21.01 -22.48 -8.46
C TYR D 93 21.79 -22.05 -7.21
N TRP D 94 21.52 -20.85 -6.69
CA TRP D 94 22.17 -20.32 -5.48
C TRP D 94 22.05 -21.20 -4.23
N ASN D 95 20.97 -21.94 -4.11
CA ASN D 95 20.80 -22.86 -2.99
C ASN D 95 21.73 -24.07 -3.09
N SER D 96 22.22 -24.35 -4.31
CA SER D 96 23.15 -25.45 -4.55
C SER D 96 24.64 -25.10 -4.32
N GLN D 97 24.93 -23.82 -4.11
CA GLN D 97 26.29 -23.41 -3.77
C GLN D 97 26.41 -23.21 -2.27
N LYS D 98 27.09 -24.15 -1.61
CA LYS D 98 27.33 -24.13 -0.17
C LYS D 98 28.13 -22.91 0.28
N ASP D 99 28.91 -22.34 -0.64
CA ASP D 99 29.68 -21.13 -0.39
C ASP D 99 28.82 -19.87 -0.26
N ILE D 100 27.81 -19.73 -1.13
CA ILE D 100 26.95 -18.54 -1.14
C ILE D 100 25.97 -18.54 0.04
N LEU D 101 25.28 -19.65 0.29
CA LEU D 101 24.46 -19.78 1.50
C LEU D 101 25.27 -19.49 2.75
N GLU D 102 26.48 -20.04 2.79
CA GLU D 102 27.43 -19.84 3.87
C GLU D 102 27.54 -18.36 4.24
N ARG D 103 27.82 -17.54 3.22
CA ARG D 103 28.12 -16.13 3.35
C ARG D 103 26.92 -15.32 3.81
N LYS D 104 25.76 -15.72 3.28
CA LYS D 104 24.50 -15.00 3.41
C LYS D 104 23.94 -15.17 4.81
N ARG D 105 23.88 -16.42 5.26
CA ARG D 105 23.43 -16.70 6.63
C ARG D 105 24.16 -15.83 7.64
N ALA D 106 25.46 -15.66 7.40
CA ALA D 106 26.34 -14.88 8.25
C ALA D 106 26.24 -13.38 7.99
N ALA D 107 25.70 -13.00 6.84
CA ALA D 107 25.55 -11.57 6.48
C ALA D 107 24.65 -10.81 7.46
N VAL D 108 23.81 -11.54 8.18
CA VAL D 108 23.02 -10.98 9.29
C VAL D 108 23.95 -10.29 10.29
N ASP D 109 25.23 -10.65 10.21
CA ASP D 109 26.23 -10.15 11.15
C ASP D 109 27.35 -9.35 10.48
N ARG D 110 28.02 -9.91 9.46
CA ARG D 110 28.96 -9.12 8.65
C ARG D 110 28.35 -7.78 8.15
N VAL D 111 27.06 -7.79 7.81
CA VAL D 111 26.42 -6.58 7.26
C VAL D 111 25.52 -5.82 8.24
N CYS D 112 24.50 -6.48 8.79
CA CYS D 112 23.55 -5.76 9.62
C CYS D 112 24.08 -5.41 11.01
N ARG D 113 24.15 -6.40 11.89
CA ARG D 113 24.55 -6.17 13.28
C ARG D 113 25.83 -5.35 13.36
N HIS D 114 26.68 -5.52 12.35
CA HIS D 114 27.89 -4.71 12.20
C HIS D 114 27.48 -3.26 12.02
N ASN D 115 26.85 -2.94 10.88
CA ASN D 115 26.55 -1.56 10.53
C ASN D 115 25.84 -0.84 11.65
N TYR D 116 24.99 -1.56 12.38
CA TYR D 116 24.29 -1.00 13.52
C TYR D 116 25.23 -0.44 14.60
N GLN D 117 26.41 -1.02 14.76
CA GLN D 117 27.39 -0.44 15.70
C GLN D 117 27.77 0.98 15.30
N LEU D 118 28.03 1.18 14.00
CA LEU D 118 28.41 2.48 13.45
C LEU D 118 27.27 3.47 13.55
N GLU D 119 26.05 2.97 13.39
CA GLU D 119 24.87 3.79 13.63
C GLU D 119 24.81 4.24 15.07
N LEU D 120 24.87 3.29 16.00
CA LEU D 120 24.75 3.56 17.42
C LEU D 120 25.60 4.74 17.89
N ARG D 121 26.65 5.05 17.11
CA ARG D 121 27.53 6.18 17.37
C ARG D 121 27.03 7.45 16.71
N THR D 122 26.46 7.31 15.50
CA THR D 122 26.07 8.48 14.70
C THR D 122 24.56 8.67 14.52
N THR D 123 24.00 8.10 13.45
CA THR D 123 22.59 8.26 13.14
C THR D 123 21.71 8.20 14.39
N LEU D 124 21.72 7.08 15.11
CA LEU D 124 20.84 6.90 16.28
C LEU D 124 21.16 7.82 17.44
N GLN D 125 22.18 8.65 17.23
CA GLN D 125 22.65 9.59 18.23
C GLN D 125 22.78 10.97 17.57
N ARG D 126 21.73 11.35 16.86
CA ARG D 126 21.62 12.67 16.26
C ARG D 126 20.38 13.28 16.88
N ARG D 127 20.55 14.47 17.44
CA ARG D 127 19.43 15.21 17.98
C ARG D 127 19.44 16.54 17.26
N VAL D 128 18.26 17.01 16.88
CA VAL D 128 18.10 18.31 16.24
C VAL D 128 16.76 18.85 16.75
N GLU D 129 16.80 19.90 17.56
CA GLU D 129 15.58 20.41 18.21
C GLU D 129 14.63 21.11 17.22
N PRO D 130 13.33 20.97 17.44
CA PRO D 130 12.39 21.61 16.53
C PRO D 130 12.35 23.12 16.75
N THR D 131 12.14 23.87 15.67
CA THR D 131 11.77 25.29 15.80
C THR D 131 10.24 25.44 15.67
N VAL D 132 9.63 25.92 16.76
CA VAL D 132 8.17 25.93 16.97
C VAL D 132 7.57 27.34 16.81
N THR D 133 6.46 27.43 16.08
CA THR D 133 5.94 28.72 15.61
C THR D 133 4.42 28.71 15.39
N ILE D 134 3.69 29.56 16.12
CA ILE D 134 2.24 29.66 15.90
C ILE D 134 1.92 30.86 15.04
N SER D 135 1.12 30.66 14.00
CA SER D 135 0.61 31.77 13.20
C SER D 135 -0.84 31.51 12.79
N PRO D 136 -1.61 32.58 12.48
CA PRO D 136 -2.91 32.44 11.82
C PRO D 136 -2.77 31.71 10.48
N SER D 137 -3.87 31.16 9.98
CA SER D 137 -3.80 30.27 8.82
C SER D 137 -3.99 31.00 7.49
N ASN D 146 -11.48 30.69 11.53
CA ASN D 146 -10.45 31.34 12.33
C ASN D 146 -9.49 30.30 12.88
N LEU D 147 -8.36 30.12 12.17
CA LEU D 147 -7.52 28.91 12.36
C LEU D 147 -6.06 29.19 12.75
N LEU D 148 -5.48 28.29 13.56
CA LEU D 148 -4.20 28.53 14.25
C LEU D 148 -3.17 27.42 14.02
N VAL D 149 -2.18 27.67 13.15
CA VAL D 149 -1.20 26.65 12.71
C VAL D 149 0.13 26.64 13.50
N CYS D 150 0.27 25.70 14.43
CA CYS D 150 1.54 25.50 15.12
C CYS D 150 2.48 24.74 14.17
N SER D 151 3.58 25.39 13.77
CA SER D 151 4.50 24.89 12.74
C SER D 151 5.82 24.42 13.32
N VAL D 152 5.85 23.16 13.72
CA VAL D 152 7.04 22.52 14.27
C VAL D 152 8.00 22.10 13.15
N THR D 153 9.15 22.77 13.03
CA THR D 153 10.05 22.48 11.88
C THR D 153 11.52 22.11 12.19
N ASP D 154 12.16 21.50 11.20
CA ASP D 154 13.50 20.88 11.30
C ASP D 154 13.77 20.18 12.62
N PHE D 155 13.59 18.86 12.62
CA PHE D 155 13.94 18.02 13.77
C PHE D 155 14.33 16.63 13.32
N TYR D 156 14.88 15.88 14.28
CA TYR D 156 15.34 14.52 14.08
C TYR D 156 15.70 13.98 15.45
N PRO D 157 15.40 12.69 15.72
CA PRO D 157 14.72 11.68 14.91
C PRO D 157 13.27 12.06 14.57
N ALA D 158 12.46 11.07 14.17
CA ALA D 158 11.10 11.32 13.72
C ALA D 158 10.06 11.33 14.83
N GLN D 159 10.34 10.71 15.96
CA GLN D 159 9.27 10.56 16.93
C GLN D 159 9.13 11.86 17.68
N ILE D 160 7.93 12.41 17.68
CA ILE D 160 7.63 13.76 18.15
C ILE D 160 6.31 13.70 18.91
N LYS D 161 5.94 14.74 19.64
CA LYS D 161 4.64 14.74 20.30
C LYS D 161 4.11 16.15 20.53
N VAL D 162 3.04 16.51 19.83
CA VAL D 162 2.52 17.87 19.84
C VAL D 162 1.12 17.94 20.43
N ARG D 163 0.98 18.43 21.65
CA ARG D 163 -0.36 18.67 22.16
C ARG D 163 -0.74 20.15 21.95
N TRP D 164 -2.02 20.48 22.18
CA TRP D 164 -2.51 21.87 22.16
C TRP D 164 -3.25 22.12 23.45
N PHE D 165 -3.20 23.34 23.94
CA PHE D 165 -3.91 23.67 25.16
C PHE D 165 -4.64 25.00 25.00
N ARG D 166 -5.89 25.05 25.45
CA ARG D 166 -6.60 26.32 25.60
C ARG D 166 -6.79 26.55 27.09
N ASN D 167 -6.30 27.70 27.56
CA ASN D 167 -6.37 28.10 28.96
C ASN D 167 -5.94 26.98 29.90
N ASP D 168 -4.73 26.47 29.66
CA ASP D 168 -4.11 25.39 30.45
C ASP D 168 -5.06 24.19 30.62
N GLN D 169 -5.48 23.63 29.49
CA GLN D 169 -6.44 22.52 29.46
C GLN D 169 -6.52 21.97 28.03
N GLU D 170 -6.22 20.68 27.89
CA GLU D 170 -5.98 20.08 26.56
C GLU D 170 -7.14 20.29 25.59
N GLU D 171 -6.83 20.36 24.30
CA GLU D 171 -7.84 20.44 23.26
C GLU D 171 -7.55 19.46 22.13
N THR D 172 -8.05 18.24 22.27
CA THR D 172 -7.83 17.18 21.28
C THR D 172 -8.86 17.22 20.14
N ALA D 173 -10.09 17.62 20.48
CA ALA D 173 -11.22 17.60 19.56
C ALA D 173 -11.00 18.42 18.29
N GLY D 174 -10.46 19.63 18.42
CA GLY D 174 -10.33 20.55 17.29
C GLY D 174 -9.14 20.33 16.37
N VAL D 175 -8.17 19.54 16.84
CA VAL D 175 -6.89 19.36 16.17
C VAL D 175 -6.91 18.48 14.92
N VAL D 176 -6.37 18.99 13.83
CA VAL D 176 -5.87 18.16 12.72
C VAL D 176 -4.38 18.36 12.56
N SER D 177 -3.66 17.23 12.50
CA SER D 177 -2.22 17.22 12.25
C SER D 177 -2.01 16.96 10.76
N THR D 178 -0.88 17.38 10.20
CA THR D 178 -0.53 16.86 8.90
C THR D 178 0.09 15.49 9.16
N PRO D 179 0.51 14.76 8.10
CA PRO D 179 1.34 13.62 8.42
C PRO D 179 2.75 14.15 8.68
N LEU D 180 3.66 13.28 9.10
CA LEU D 180 5.07 13.65 9.28
C LEU D 180 5.67 13.93 7.92
N ILE D 181 6.43 15.00 7.79
CA ILE D 181 6.98 15.36 6.50
C ILE D 181 8.48 15.12 6.45
N ARG D 182 8.88 14.16 5.62
CA ARG D 182 10.27 13.84 5.40
C ARG D 182 10.78 14.94 4.48
N ASN D 183 11.72 15.75 4.99
CA ASN D 183 12.31 16.79 4.17
C ASN D 183 13.37 16.18 3.26
N GLY D 184 13.95 15.08 3.74
CA GLY D 184 14.89 14.28 2.96
C GLY D 184 16.30 14.79 3.09
N ASP D 185 16.60 15.34 4.26
CA ASP D 185 17.90 15.90 4.58
C ASP D 185 18.05 15.70 6.08
N TRP D 186 17.45 14.61 6.56
CA TRP D 186 17.56 14.18 7.95
C TRP D 186 16.93 15.21 8.90
N THR D 187 15.94 15.93 8.38
CA THR D 187 15.04 16.74 9.18
C THR D 187 13.60 16.50 8.77
N PHE D 188 12.74 16.35 9.77
CA PHE D 188 11.32 16.20 9.56
C PHE D 188 10.65 17.49 9.91
N GLN D 189 9.40 17.61 9.49
CA GLN D 189 8.57 18.79 9.66
C GLN D 189 7.12 18.33 9.91
N ILE D 190 6.41 19.01 10.81
CA ILE D 190 5.01 18.67 11.05
C ILE D 190 4.18 19.89 11.45
N LEU D 191 3.11 20.15 10.69
CA LEU D 191 2.17 21.24 10.94
C LEU D 191 0.96 20.75 11.74
N VAL D 192 0.66 21.43 12.83
CA VAL D 192 -0.40 20.95 13.73
C VAL D 192 -1.41 22.05 14.01
N MET D 193 -2.58 21.94 13.39
CA MET D 193 -3.63 22.98 13.36
C MET D 193 -4.69 22.86 14.42
N LEU D 194 -5.21 24.00 14.87
CA LEU D 194 -6.29 24.05 15.84
C LEU D 194 -7.35 25.07 15.47
N GLU D 195 -8.60 24.67 15.68
CA GLU D 195 -9.75 25.53 15.44
C GLU D 195 -10.16 26.30 16.69
N MET D 196 -10.20 27.63 16.57
CA MET D 196 -10.49 28.50 17.73
C MET D 196 -11.49 29.61 17.41
N THR D 197 -11.59 30.57 18.33
CA THR D 197 -12.54 31.70 18.22
C THR D 197 -11.94 33.06 18.71
N PRO D 198 -12.46 34.20 18.18
CA PRO D 198 -12.16 35.64 18.49
C PRO D 198 -12.07 36.11 19.98
N GLN D 199 -12.68 35.37 20.90
CA GLN D 199 -12.81 35.76 22.32
C GLN D 199 -11.50 36.14 23.02
N ARG D 200 -11.51 37.22 23.80
CA ARG D 200 -10.30 37.67 24.51
C ARG D 200 -10.15 37.04 25.92
N GLY D 201 -8.96 37.21 26.51
CA GLY D 201 -8.59 36.55 27.76
C GLY D 201 -8.12 35.12 27.53
N ASP D 202 -7.92 34.78 26.24
CA ASP D 202 -7.65 33.42 25.79
C ASP D 202 -6.17 33.13 25.52
N VAL D 203 -5.65 32.09 26.21
CA VAL D 203 -4.25 31.70 26.15
C VAL D 203 -4.10 30.35 25.45
N TYR D 204 -3.99 30.38 24.13
CA TYR D 204 -3.65 29.19 23.35
C TYR D 204 -2.16 28.86 23.46
N THR D 205 -1.84 27.58 23.55
CA THR D 205 -0.46 27.14 23.64
C THR D 205 -0.17 25.77 23.03
N CYS D 206 0.59 25.79 21.93
CA CYS D 206 1.10 24.58 21.30
C CYS D 206 2.36 24.14 22.04
N HIS D 207 2.47 22.84 22.29
CA HIS D 207 3.41 22.30 23.26
C HIS D 207 4.07 21.03 22.72
N VAL D 208 5.40 21.04 22.66
CA VAL D 208 6.14 20.07 21.86
C VAL D 208 7.17 19.27 22.68
N GLU D 209 6.96 17.96 22.78
CA GLU D 209 8.00 17.04 23.27
C GLU D 209 8.75 16.36 22.12
N HIS D 210 10.00 16.03 22.39
CA HIS D 210 10.91 15.47 21.42
C HIS D 210 12.03 15.03 22.31
N PRO D 211 12.85 14.06 21.85
CA PRO D 211 13.97 13.62 22.69
C PRO D 211 15.21 14.51 22.55
N SER D 212 15.22 15.42 21.57
CA SER D 212 16.29 16.38 21.42
C SER D 212 16.13 17.50 22.42
N LEU D 213 15.11 17.38 23.26
CA LEU D 213 14.79 18.43 24.22
C LEU D 213 14.87 17.96 25.66
N GLN D 214 15.61 18.74 26.45
CA GLN D 214 15.68 18.53 27.90
C GLN D 214 14.27 18.43 28.48
N SER D 215 13.40 19.33 28.04
CA SER D 215 11.99 19.37 28.43
C SER D 215 11.16 20.17 27.39
N PRO D 216 9.82 20.04 27.44
CA PRO D 216 8.92 20.56 26.40
C PRO D 216 9.13 22.03 26.00
N ILE D 217 8.96 22.31 24.72
CA ILE D 217 8.94 23.67 24.18
C ILE D 217 7.49 24.09 24.11
N THR D 218 7.16 25.26 24.65
CA THR D 218 5.78 25.77 24.59
C THR D 218 5.77 27.17 23.97
N VAL D 219 5.01 27.34 22.89
CA VAL D 219 4.82 28.66 22.30
C VAL D 219 3.38 29.07 22.54
N GLU D 220 3.17 30.35 22.87
CA GLU D 220 1.84 30.89 23.17
C GLU D 220 1.30 31.81 22.08
N TRP D 221 -0.02 31.92 22.02
CA TRP D 221 -0.70 32.89 21.17
C TRP D 221 -1.91 33.46 21.89
N ARG D 222 -2.09 34.77 21.76
CA ARG D 222 -3.10 35.49 22.54
C ARG D 222 -3.95 36.43 21.67
N ALA D 223 -5.22 36.59 22.07
CA ALA D 223 -6.16 37.46 21.37
C ALA D 223 -6.30 38.81 22.08
C1 GOL E . -7.39 -9.28 -2.95
O1 GOL E . -8.47 -8.68 -2.26
C2 GOL E . -6.96 -8.57 -4.26
O2 GOL E . -7.45 -7.25 -4.49
C3 GOL E . -7.14 -9.48 -5.48
O3 GOL E . -8.26 -10.33 -5.36
C1 GOL F . -3.99 5.70 11.15
O1 GOL F . -3.55 6.98 10.74
C2 GOL F . -4.28 4.78 9.97
O2 GOL F . -4.18 5.44 8.71
C3 GOL F . -5.66 4.12 10.06
O3 GOL F . -5.77 3.31 11.22
#